data_3JB4
#
_entry.id   3JB4
#
_cell.length_a   1
_cell.length_b   1
_cell.length_c   1
_cell.angle_alpha   90
_cell.angle_beta   90
_cell.angle_gamma   90
#
_symmetry.space_group_name_H-M   'P 1'
#
loop_
_entity.id
_entity.type
_entity.pdbx_description
1 polymer VP1
2 polymer VP0
3 polymer VP3
#
loop_
_entity_poly.entity_id
_entity_poly.type
_entity_poly.pdbx_seq_one_letter_code
_entity_poly.pdbx_strand_id
1 'polypeptide(L)'
;GLHSWGSEMDLVDSLDNPDEIQDNEEIQTQNVEAAQGEELATEVGLRATENDGSLSEQLNMSQPMFLNFKKHKVNIYAAT
HTKVDHIFGRAWAVGVFNTETAAIQKFDLHFPTSTHGALSRFFCHWTGELNIHILNVSTTNAFLKVAHTWFGTDSGIART
ATLESNGTMIIPPNEQMTLCVPYYSEVPLRCVKGSDRNSAGLGSLFTQAVGRTISNRVQIFVSFRCPNFFFPLPAPREAT
SASILERVDEANAEELEAVLEARTPDAPLRLKFNPEDPLKQLREAAKAYFNIMHSDE
;
A
2 'polypeptide(L)'
;MAASKMNPVGNLLSTVSSTVGSLLQNPSVEEKEMDSDRVAASTTTNAGNLVQASVAPTMPVKPDFKNTDDFLSMSYRSTT
APTNPTKMVHLAHGTWTTNQHRQALVASITLLQAFWPNQDFPAWGQSRYFAAVRCGFHIQVQLNVNIGSAGCLIAAYMPK
TAHDHMNTYTFGSYTNLPHVLMNAATTSQADLYIPYVFNHNYARTDSDDLGGIYIWVWSALTVPSGSPTTVDVTIFGSLL
DLDFQCPRPPGADTVIYTQ
;
B
3 'polypeptide(L)'
;GKRTVRKTKTSKFKWVRNKIDIAEGPGAMNIANVLSTTGGQTIALVGERAFYDPRTAGAAVRCKDLMEIARMPSVFLGES
TEPDGRRGYFTWSHTISPVNWVFDDHIYLENMPNLRLFSSCYNYWRGSFVIKLTVYASTFNKGRLRMAFFPNREGAYTQD
DAQNAIFVVCDIGLNNTFEMTIPYTWGNWMRPTRGNSLGHLRIDVLNRLTYNSSSPNAVNCILQIKMGDDAMFMVPTTSN
LVMQ
;
C
#
# COMPACT_ATOMS: atom_id res chain seq x y z
N ASN A 31 -30.78 -7.59 -34.22
CA ASN A 31 -30.08 -7.00 -35.36
C ASN A 31 -28.73 -6.45 -34.94
N VAL A 32 -28.20 -5.52 -35.73
CA VAL A 32 -26.85 -5.03 -35.53
C VAL A 32 -26.70 -4.13 -34.32
N GLU A 33 -27.54 -3.09 -34.24
CA GLU A 33 -27.36 -2.06 -33.22
C GLU A 33 -27.63 -2.56 -31.81
N ALA A 34 -28.82 -3.10 -31.58
CA ALA A 34 -29.27 -3.40 -30.22
C ALA A 34 -28.52 -4.57 -29.59
N ALA A 35 -28.56 -4.62 -28.26
CA ALA A 35 -28.08 -5.76 -27.50
C ALA A 35 -29.02 -5.98 -26.32
N GLN A 36 -28.99 -7.16 -25.71
CA GLN A 36 -29.95 -7.49 -24.66
C GLN A 36 -29.38 -8.28 -23.49
N GLY A 37 -30.17 -8.37 -22.42
CA GLY A 37 -29.79 -9.13 -21.24
C GLY A 37 -30.33 -10.54 -21.34
N GLU A 38 -30.73 -11.14 -20.21
CA GLU A 38 -30.61 -10.52 -18.89
C GLU A 38 -29.44 -11.03 -18.06
N GLU A 39 -28.68 -11.98 -18.60
CA GLU A 39 -27.61 -12.64 -17.84
C GLU A 39 -26.32 -11.83 -17.78
N LEU A 40 -25.98 -11.20 -18.90
CA LEU A 40 -24.67 -10.58 -19.09
C LEU A 40 -24.62 -9.12 -18.65
N ALA A 41 -25.68 -8.66 -18.00
CA ALA A 41 -25.72 -7.29 -17.47
C ALA A 41 -24.52 -7.02 -16.57
N THR A 42 -23.85 -8.07 -16.11
CA THR A 42 -22.58 -7.92 -15.44
C THR A 42 -21.57 -7.27 -16.38
N GLU A 43 -21.60 -7.68 -17.64
CA GLU A 43 -20.61 -7.20 -18.60
C GLU A 43 -20.87 -5.76 -19.01
N VAL A 44 -22.13 -5.34 -18.96
CA VAL A 44 -22.48 -4.02 -19.46
C VAL A 44 -22.22 -2.99 -18.35
N GLY A 45 -21.67 -3.46 -17.24
CA GLY A 45 -21.21 -2.54 -16.21
C GLY A 45 -21.94 -2.52 -14.89
N LEU A 46 -23.05 -3.22 -14.78
CA LEU A 46 -23.74 -3.28 -13.49
C LEU A 46 -22.97 -4.20 -12.57
N ARG A 47 -22.53 -3.67 -11.44
CA ARG A 47 -21.72 -4.45 -10.50
C ARG A 47 -22.00 -4.09 -9.07
N ALA A 48 -22.03 -5.10 -8.21
CA ALA A 48 -22.25 -4.88 -6.79
C ALA A 48 -20.93 -4.70 -6.08
N THR A 49 -20.71 -3.50 -5.55
CA THR A 49 -19.46 -3.20 -4.88
C THR A 49 -19.36 -3.90 -3.53
N GLU A 50 -20.51 -4.27 -2.98
CA GLU A 50 -20.55 -4.91 -1.69
C GLU A 50 -19.82 -6.26 -1.73
N ASN A 51 -19.93 -6.98 -2.85
CA ASN A 51 -19.10 -8.15 -3.03
C ASN A 51 -17.97 -7.79 -3.97
N ASP A 52 -16.79 -7.57 -3.42
CA ASP A 52 -15.62 -7.25 -4.21
C ASP A 52 -14.70 -8.43 -4.44
N GLY A 53 -15.00 -9.56 -3.78
CA GLY A 53 -14.01 -10.61 -3.64
C GLY A 53 -12.77 -10.01 -2.97
N SER A 54 -11.59 -10.52 -3.31
CA SER A 54 -10.36 -9.88 -2.84
C SER A 54 -10.18 -8.58 -3.61
N LEU A 55 -9.40 -7.67 -3.08
CA LEU A 55 -9.11 -6.44 -3.81
C LEU A 55 -8.39 -6.78 -5.10
N SER A 56 -7.60 -7.84 -5.07
CA SER A 56 -6.87 -8.30 -6.25
C SER A 56 -7.78 -9.04 -7.22
N GLU A 57 -8.96 -9.43 -6.74
CA GLU A 57 -9.93 -10.10 -7.59
C GLU A 57 -10.55 -9.10 -8.55
N GLN A 58 -10.53 -7.83 -8.16
CA GLN A 58 -11.06 -6.78 -9.01
C GLN A 58 -10.13 -6.51 -10.19
N LEU A 59 -8.88 -6.88 -10.04
CA LEU A 59 -7.89 -6.69 -11.10
C LEU A 59 -8.23 -7.59 -12.27
N ASN A 60 -8.81 -8.74 -11.97
CA ASN A 60 -9.20 -9.70 -12.99
C ASN A 60 -10.47 -9.28 -13.72
N MET A 61 -11.26 -8.44 -13.06
CA MET A 61 -12.55 -8.02 -13.60
C MET A 61 -12.45 -7.40 -14.99
N SER A 62 -13.32 -7.85 -15.89
CA SER A 62 -13.37 -7.27 -17.21
C SER A 62 -14.22 -6.01 -17.18
N GLN A 63 -13.62 -4.89 -17.56
CA GLN A 63 -14.31 -3.61 -17.54
C GLN A 63 -15.43 -3.59 -18.57
N PRO A 64 -16.51 -2.84 -18.27
CA PRO A 64 -17.68 -2.80 -19.14
C PRO A 64 -17.41 -2.18 -20.50
N MET A 65 -18.22 -2.55 -21.48
CA MET A 65 -18.07 -2.06 -22.83
C MET A 65 -19.41 -1.99 -23.54
N PHE A 66 -19.62 -0.96 -24.36
CA PHE A 66 -20.86 -0.84 -25.11
C PHE A 66 -20.68 -1.48 -26.46
N LEU A 67 -21.64 -1.26 -27.35
CA LEU A 67 -21.57 -1.85 -28.68
C LEU A 67 -20.28 -1.45 -29.37
N ASN A 68 -19.95 -0.16 -29.37
CA ASN A 68 -18.68 0.23 -29.94
C ASN A 68 -17.70 0.78 -28.93
N PHE A 69 -16.73 -0.06 -28.58
CA PHE A 69 -15.47 0.38 -28.02
C PHE A 69 -14.48 -0.68 -28.40
N LYS A 70 -13.26 -0.27 -28.70
CA LYS A 70 -12.23 -1.24 -29.05
C LYS A 70 -11.17 -1.23 -27.98
N LYS A 71 -11.11 -2.27 -27.16
CA LYS A 71 -10.05 -2.36 -26.18
C LYS A 71 -8.89 -3.10 -26.82
N HIS A 72 -7.79 -2.40 -26.98
CA HIS A 72 -6.62 -2.97 -27.60
C HIS A 72 -5.43 -2.38 -26.88
N LYS A 73 -4.46 -3.21 -26.54
CA LYS A 73 -3.30 -2.72 -25.83
C LYS A 73 -2.25 -2.33 -26.85
N VAL A 74 -1.98 -1.04 -26.95
CA VAL A 74 -1.07 -0.55 -27.96
C VAL A 74 0.22 -0.06 -27.34
N ASN A 75 1.30 -0.77 -27.60
CA ASN A 75 2.59 -0.38 -27.06
C ASN A 75 3.32 0.53 -28.05
N ILE A 76 3.47 1.80 -27.68
CA ILE A 76 4.17 2.75 -28.51
C ILE A 76 5.67 2.62 -28.32
N TYR A 77 6.09 2.30 -27.10
CA TYR A 77 7.49 2.05 -26.82
C TYR A 77 7.66 0.57 -26.53
N ALA A 78 8.82 0.03 -26.86
CA ALA A 78 9.11 -1.36 -26.56
C ALA A 78 9.13 -1.58 -25.06
N ALA A 79 9.90 -0.76 -24.37
CA ALA A 79 9.99 -0.80 -22.92
C ALA A 79 8.74 -0.22 -22.27
N THR A 80 8.52 -0.56 -21.01
CA THR A 80 7.39 -0.01 -20.27
C THR A 80 7.87 0.89 -19.14
N HIS A 81 7.39 2.12 -19.11
CA HIS A 81 7.75 3.04 -18.05
C HIS A 81 6.95 2.76 -16.79
N THR A 82 5.91 1.94 -16.95
CA THR A 82 5.02 1.64 -15.84
C THR A 82 5.59 0.57 -14.92
N LYS A 83 6.46 -0.28 -15.46
CA LYS A 83 6.99 -1.40 -14.70
C LYS A 83 7.89 -0.93 -13.57
N VAL A 84 7.76 -1.57 -12.40
CA VAL A 84 8.47 -1.15 -11.20
C VAL A 84 9.97 -1.10 -11.42
N ASP A 85 10.47 -2.08 -12.15
CA ASP A 85 11.90 -2.21 -12.42
C ASP A 85 12.46 -0.97 -13.08
N HIS A 86 11.78 -0.51 -14.13
CA HIS A 86 12.25 0.59 -14.95
C HIS A 86 12.13 1.96 -14.28
N ILE A 87 10.95 2.27 -13.76
CA ILE A 87 10.65 3.59 -13.25
C ILE A 87 11.64 4.12 -12.20
N PHE A 88 12.09 3.27 -11.30
CA PHE A 88 13.00 3.75 -10.26
C PHE A 88 14.46 3.65 -10.69
N GLY A 89 14.68 3.27 -11.94
CA GLY A 89 16.00 3.30 -12.52
C GLY A 89 16.50 4.72 -12.63
N ARG A 90 15.60 5.62 -13.03
CA ARG A 90 15.93 7.04 -13.10
C ARG A 90 16.24 7.47 -11.68
N ALA A 91 17.40 8.07 -11.44
CA ALA A 91 17.74 8.48 -10.08
C ALA A 91 17.08 9.81 -9.74
N TRP A 92 17.28 10.25 -8.51
CA TRP A 92 16.72 11.50 -8.02
C TRP A 92 17.59 12.14 -6.97
N ALA A 93 17.57 13.46 -6.92
CA ALA A 93 18.56 14.22 -6.15
C ALA A 93 18.13 14.48 -4.72
N VAL A 94 18.85 13.90 -3.77
CA VAL A 94 18.61 14.19 -2.37
C VAL A 94 19.83 14.84 -1.72
N GLY A 95 19.72 16.14 -1.44
CA GLY A 95 20.71 16.85 -0.66
C GLY A 95 21.91 17.38 -1.43
N VAL A 96 22.41 18.54 -0.99
CA VAL A 96 23.63 19.14 -1.51
C VAL A 96 24.33 19.81 -0.36
N PHE A 97 25.62 19.56 -0.18
CA PHE A 97 26.37 20.28 0.85
C PHE A 97 27.84 20.42 0.50
N ASN A 98 28.41 21.58 0.82
CA ASN A 98 29.84 21.77 0.70
C ASN A 98 30.53 21.25 1.96
N THR A 99 31.72 20.69 1.81
CA THR A 99 32.46 20.22 2.97
C THR A 99 33.86 20.80 3.00
N GLU A 100 34.12 21.69 3.95
CA GLU A 100 35.43 22.29 4.11
C GLU A 100 36.25 21.64 5.22
N THR A 101 35.68 20.66 5.91
CA THR A 101 36.30 20.11 7.12
C THR A 101 36.48 18.59 7.03
N ALA A 102 37.64 18.12 7.45
CA ALA A 102 37.97 16.69 7.36
C ALA A 102 37.15 15.83 8.33
N ALA A 103 36.44 16.46 9.24
CA ALA A 103 35.61 15.75 10.22
C ALA A 103 34.53 14.94 9.53
N ILE A 104 34.22 13.77 10.09
CA ILE A 104 33.28 12.85 9.47
C ILE A 104 31.88 13.47 9.41
N GLN A 105 31.29 13.45 8.21
CA GLN A 105 30.01 14.10 8.00
C GLN A 105 28.82 13.15 8.12
N LYS A 106 27.95 13.44 9.07
CA LYS A 106 26.68 12.72 9.21
C LYS A 106 25.68 13.26 8.21
N PHE A 107 25.20 12.40 7.33
CA PHE A 107 24.20 12.83 6.35
C PHE A 107 23.12 11.76 6.24
N ASP A 108 21.88 12.11 6.55
CA ASP A 108 20.82 11.14 6.66
C ASP A 108 19.92 11.12 5.43
N LEU A 109 19.60 9.93 4.95
CA LEU A 109 18.81 9.79 3.73
C LEU A 109 17.37 9.42 4.01
N HIS A 110 16.45 10.35 3.77
CA HIS A 110 15.02 10.06 3.77
C HIS A 110 14.59 9.54 2.41
N PHE A 111 13.51 8.78 2.38
CA PHE A 111 12.87 8.46 1.11
C PHE A 111 12.44 9.72 0.38
N PRO A 112 12.38 9.65 -0.96
CA PRO A 112 12.21 10.84 -1.80
C PRO A 112 10.91 11.60 -1.59
N THR A 113 11.01 12.92 -1.59
CA THR A 113 9.85 13.79 -1.59
C THR A 113 9.96 14.75 -2.76
N SER A 114 8.83 15.21 -3.27
CA SER A 114 8.80 16.24 -4.31
C SER A 114 9.59 15.85 -5.55
N THR A 115 9.34 14.65 -6.06
CA THR A 115 9.97 14.18 -7.28
C THR A 115 9.29 12.90 -7.72
N HIS A 116 9.78 12.27 -8.78
CA HIS A 116 9.16 11.05 -9.28
C HIS A 116 9.44 9.90 -8.33
N GLY A 117 10.37 10.11 -7.42
CA GLY A 117 10.65 9.11 -6.41
C GLY A 117 9.49 9.00 -5.45
N ALA A 118 8.74 10.08 -5.32
CA ALA A 118 7.58 10.13 -4.43
C ALA A 118 6.47 9.19 -4.90
N LEU A 119 6.66 8.59 -6.07
CA LEU A 119 5.77 7.56 -6.55
C LEU A 119 5.89 6.33 -5.67
N SER A 120 6.97 6.25 -4.90
CA SER A 120 7.21 5.11 -4.04
C SER A 120 6.50 5.26 -2.73
N ARG A 121 5.74 6.33 -2.58
CA ARG A 121 5.15 6.67 -1.30
C ARG A 121 3.90 5.82 -1.05
N PHE A 122 3.50 5.04 -2.04
CA PHE A 122 2.36 4.13 -1.90
C PHE A 122 2.63 2.94 -1.00
N PHE A 123 3.90 2.59 -0.82
CA PHE A 123 4.23 1.37 -0.12
C PHE A 123 4.94 1.65 1.18
N CYS A 124 4.61 0.88 2.21
CA CYS A 124 5.37 0.93 3.44
C CYS A 124 6.61 0.07 3.30
N HIS A 125 6.42 -1.23 3.28
CA HIS A 125 7.54 -2.15 3.37
C HIS A 125 8.33 -2.17 2.07
N TRP A 126 9.63 -1.89 2.17
CA TRP A 126 10.49 -1.94 1.01
C TRP A 126 11.83 -2.62 1.28
N THR A 127 12.23 -3.51 0.39
CA THR A 127 13.54 -4.13 0.48
C THR A 127 14.18 -4.30 -0.88
N GLY A 128 15.40 -3.79 -1.01
CA GLY A 128 16.20 -3.97 -2.21
C GLY A 128 17.46 -3.17 -2.09
N GLU A 129 18.47 -3.49 -2.87
CA GLU A 129 19.72 -2.75 -2.81
C GLU A 129 19.57 -1.45 -3.58
N LEU A 130 20.31 -0.43 -3.18
CA LEU A 130 20.13 0.88 -3.80
C LEU A 130 21.43 1.54 -4.20
N ASN A 131 21.44 2.16 -5.36
CA ASN A 131 22.62 2.83 -5.88
C ASN A 131 22.80 4.16 -5.19
N ILE A 132 24.02 4.64 -5.13
CA ILE A 132 24.28 5.99 -4.67
C ILE A 132 25.24 6.66 -5.63
N HIS A 133 24.78 7.72 -6.28
CA HIS A 133 25.65 8.45 -7.17
C HIS A 133 26.11 9.72 -6.50
N ILE A 134 27.36 9.76 -6.09
CA ILE A 134 27.89 10.95 -5.45
C ILE A 134 28.73 11.68 -6.47
N LEU A 135 28.72 12.99 -6.41
CA LEU A 135 29.39 13.80 -7.41
C LEU A 135 30.33 14.80 -6.75
N ASN A 136 31.63 14.62 -6.98
CA ASN A 136 32.62 15.41 -6.26
C ASN A 136 33.02 16.65 -7.04
N VAL A 137 33.02 17.80 -6.38
CA VAL A 137 33.49 19.03 -6.99
C VAL A 137 34.52 19.67 -6.09
N SER A 138 35.75 19.79 -6.59
CA SER A 138 36.82 20.34 -5.77
C SER A 138 37.62 21.39 -6.50
N THR A 139 37.55 22.63 -6.00
CA THR A 139 38.36 23.70 -6.55
C THR A 139 39.82 23.40 -6.30
N THR A 140 40.15 23.16 -5.03
CA THR A 140 41.46 22.64 -4.66
C THR A 140 41.37 21.12 -4.62
N ASN A 141 42.39 20.45 -5.14
CA ASN A 141 42.32 19.01 -5.35
C ASN A 141 42.13 18.27 -4.03
N ALA A 142 41.06 17.48 -3.97
CA ALA A 142 40.71 16.77 -2.75
C ALA A 142 40.09 15.42 -3.04
N PHE A 143 40.55 14.41 -2.34
CA PHE A 143 39.88 13.11 -2.35
C PHE A 143 38.82 13.09 -1.28
N LEU A 144 37.71 12.44 -1.59
CA LEU A 144 36.63 12.32 -0.63
C LEU A 144 36.14 10.88 -0.55
N LYS A 145 35.76 10.46 0.64
CA LYS A 145 35.43 9.08 0.89
C LYS A 145 33.95 8.89 1.18
N VAL A 146 33.40 7.75 0.77
CA VAL A 146 31.98 7.47 0.99
C VAL A 146 31.82 6.15 1.70
N ALA A 147 30.96 6.14 2.72
CA ALA A 147 30.67 4.92 3.45
C ALA A 147 29.22 4.94 3.93
N HIS A 148 28.57 3.79 3.88
CA HIS A 148 27.16 3.75 4.24
C HIS A 148 26.88 2.76 5.35
N THR A 149 26.01 3.17 6.27
CA THR A 149 25.61 2.31 7.38
C THR A 149 24.11 2.34 7.58
N TRP A 150 23.48 1.19 7.46
CA TRP A 150 22.04 1.09 7.65
C TRP A 150 21.65 1.40 9.08
N PHE A 151 22.38 0.83 10.03
CA PHE A 151 22.22 1.25 11.41
C PHE A 151 22.77 2.66 11.49
N GLY A 152 22.23 3.46 12.39
CA GLY A 152 22.63 4.85 12.47
C GLY A 152 24.02 5.03 13.07
N THR A 153 24.32 6.26 13.48
CA THR A 153 25.56 6.55 14.17
C THR A 153 25.75 5.65 15.38
N ASP A 154 24.66 5.43 16.12
CA ASP A 154 24.71 4.60 17.32
C ASP A 154 24.17 3.20 17.10
N SER A 155 25.05 2.22 17.20
CA SER A 155 24.65 0.83 17.24
C SER A 155 24.56 0.38 18.70
N GLY A 156 24.70 1.34 19.59
CA GLY A 156 24.80 1.07 21.02
C GLY A 156 26.22 1.36 21.47
N ILE A 157 27.10 1.51 20.50
CA ILE A 157 28.47 1.92 20.72
C ILE A 157 28.70 2.93 19.60
N ALA A 158 29.75 3.74 19.67
CA ALA A 158 30.00 4.65 18.58
C ALA A 158 30.91 3.94 17.59
N ARG A 159 30.33 3.56 16.47
CA ARG A 159 31.04 2.79 15.47
C ARG A 159 31.62 3.68 14.39
N THR A 160 31.50 4.98 14.60
CA THR A 160 31.89 5.96 13.60
C THR A 160 33.34 6.40 13.75
N ALA A 161 34.06 5.78 14.68
CA ALA A 161 35.44 6.16 15.00
C ALA A 161 36.29 6.29 13.74
N THR A 162 36.28 5.26 12.91
CA THR A 162 36.89 5.36 11.59
C THR A 162 36.04 4.57 10.61
N LEU A 163 35.80 5.15 9.44
CA LEU A 163 34.85 4.60 8.50
C LEU A 163 35.53 3.71 7.45
N GLU A 164 36.82 3.49 7.62
CA GLU A 164 37.59 2.74 6.64
C GLU A 164 37.13 1.29 6.51
N SER A 165 36.74 0.68 7.62
CA SER A 165 36.47 -0.75 7.63
C SER A 165 35.04 -1.12 7.28
N ASN A 166 34.15 -0.13 7.23
CA ASN A 166 32.73 -0.41 7.10
C ASN A 166 32.26 -0.50 5.63
N GLY A 167 33.19 -0.54 4.69
CA GLY A 167 32.82 -0.52 3.28
C GLY A 167 33.16 0.73 2.49
N THR A 168 34.10 1.52 3.00
CA THR A 168 34.57 2.72 2.35
C THR A 168 34.92 2.53 0.88
N MET A 169 34.50 3.45 0.03
CA MET A 169 34.94 3.44 -1.35
C MET A 169 35.41 4.84 -1.73
N ILE A 170 36.69 4.96 -2.07
CA ILE A 170 37.32 6.26 -2.25
C ILE A 170 37.04 6.86 -3.61
N ILE A 171 36.69 8.15 -3.62
CA ILE A 171 36.31 8.86 -4.83
C ILE A 171 37.30 9.95 -5.21
N PRO A 172 37.90 9.85 -6.41
CA PRO A 172 38.86 10.84 -6.91
C PRO A 172 38.24 12.23 -7.07
N PRO A 173 39.07 13.28 -7.11
CA PRO A 173 38.60 14.66 -7.22
C PRO A 173 38.02 14.98 -8.59
N ASN A 174 36.98 15.82 -8.60
CA ASN A 174 36.29 16.21 -9.82
C ASN A 174 35.71 15.00 -10.53
N GLU A 175 35.40 13.95 -9.78
CA GLU A 175 34.92 12.71 -10.38
C GLU A 175 33.74 12.15 -9.61
N GLN A 176 33.08 11.15 -10.18
CA GLN A 176 31.91 10.56 -9.56
C GLN A 176 31.83 9.06 -9.81
N MET A 177 31.18 8.33 -8.91
CA MET A 177 31.06 6.89 -9.04
C MET A 177 29.67 6.35 -8.68
N THR A 178 29.39 5.15 -9.19
CA THR A 178 28.07 4.55 -9.13
C THR A 178 27.81 3.58 -7.98
N LEU A 179 28.72 3.51 -7.02
CA LEU A 179 28.73 2.42 -6.03
C LEU A 179 27.36 2.17 -5.42
N CYS A 180 26.98 0.89 -5.36
CA CYS A 180 25.70 0.51 -4.80
C CYS A 180 25.87 -0.19 -3.47
N VAL A 181 24.90 0.01 -2.58
CA VAL A 181 24.95 -0.57 -1.26
C VAL A 181 24.06 -1.78 -1.18
N PRO A 182 24.61 -2.89 -0.68
CA PRO A 182 23.84 -4.11 -0.46
C PRO A 182 22.92 -3.92 0.72
N TYR A 183 21.95 -4.80 0.90
CA TYR A 183 21.01 -4.62 1.98
C TYR A 183 21.53 -5.34 3.22
N TYR A 184 21.97 -4.59 4.22
CA TYR A 184 22.27 -5.15 5.53
C TYR A 184 21.40 -4.48 6.57
N SER A 185 20.45 -5.22 7.12
CA SER A 185 19.58 -4.65 8.14
C SER A 185 19.04 -5.71 9.08
N GLU A 186 18.84 -5.33 10.32
CA GLU A 186 18.27 -6.24 11.29
C GLU A 186 16.75 -6.22 11.18
N VAL A 187 16.27 -5.37 10.29
CA VAL A 187 14.85 -5.29 9.98
C VAL A 187 14.67 -5.69 8.54
N PRO A 188 14.06 -6.85 8.29
CA PRO A 188 13.98 -7.36 6.93
C PRO A 188 13.23 -6.44 5.97
N LEU A 189 12.37 -5.58 6.49
CA LEU A 189 11.59 -4.69 5.64
C LEU A 189 11.59 -3.25 6.15
N ARG A 190 12.18 -2.35 5.37
CA ARG A 190 12.16 -0.93 5.69
C ARG A 190 10.79 -0.35 5.40
N CYS A 191 10.29 0.54 6.26
CA CYS A 191 9.03 1.21 5.93
C CYS A 191 9.30 2.64 5.50
N VAL A 192 8.70 2.99 4.36
CA VAL A 192 8.99 4.25 3.70
C VAL A 192 8.54 5.45 4.49
N LYS A 193 7.30 5.39 4.97
CA LYS A 193 6.64 6.53 5.60
C LYS A 193 7.40 7.11 6.78
N GLY A 194 7.55 6.32 7.84
CA GLY A 194 8.13 6.79 9.09
C GLY A 194 9.48 7.48 8.96
N SER A 195 9.72 8.45 9.83
CA SER A 195 11.00 9.15 9.88
C SER A 195 11.90 8.61 10.98
N ASP A 196 11.45 7.60 11.71
CA ASP A 196 12.17 7.11 12.88
C ASP A 196 13.50 6.51 12.48
N ARG A 197 14.59 7.03 13.06
CA ARG A 197 15.92 6.72 12.55
C ARG A 197 16.27 5.24 12.61
N ASN A 198 15.70 4.52 13.56
CA ASN A 198 16.04 3.10 13.70
C ASN A 198 15.73 2.25 12.48
N SER A 199 14.46 1.91 12.27
CA SER A 199 14.09 1.06 11.15
C SER A 199 13.47 1.76 9.94
N ALA A 200 13.15 3.04 10.06
CA ALA A 200 12.33 3.66 9.04
C ALA A 200 13.09 4.10 7.79
N GLY A 201 14.20 4.80 7.98
CA GLY A 201 14.92 5.37 6.86
C GLY A 201 15.47 4.30 5.95
N LEU A 202 15.92 4.70 4.77
CA LEU A 202 16.58 3.76 3.88
C LEU A 202 18.08 3.83 4.08
N GLY A 203 18.52 4.63 5.05
CA GLY A 203 19.92 4.62 5.41
C GLY A 203 20.49 5.90 5.98
N SER A 204 21.76 5.86 6.34
CA SER A 204 22.47 7.01 6.87
C SER A 204 23.87 7.05 6.29
N LEU A 205 24.25 8.18 5.71
CA LEU A 205 25.43 8.22 4.86
C LEU A 205 26.60 8.98 5.50
N PHE A 206 27.79 8.37 5.47
CA PHE A 206 29.00 8.97 6.02
C PHE A 206 30.04 9.34 4.98
N THR A 207 30.67 10.51 5.17
CA THR A 207 31.74 11.00 4.30
C THR A 207 32.79 11.81 5.05
N GLN A 208 34.01 11.83 4.55
CA GLN A 208 35.00 12.82 4.99
C GLN A 208 36.00 13.13 3.88
N ALA A 209 36.40 14.39 3.81
CA ALA A 209 37.41 14.82 2.86
C ALA A 209 38.81 14.46 3.35
N VAL A 210 39.77 14.40 2.44
CA VAL A 210 41.16 14.17 2.81
C VAL A 210 42.03 15.00 1.86
N GLY A 211 43.27 15.29 2.25
CA GLY A 211 44.15 16.09 1.43
C GLY A 211 44.20 17.57 1.73
N ARG A 212 43.92 17.93 2.99
CA ARG A 212 43.97 19.30 3.51
C ARG A 212 43.29 20.33 2.60
N THR A 213 41.98 20.25 2.49
CA THR A 213 41.25 21.15 1.60
C THR A 213 40.03 21.78 2.22
N ILE A 214 39.42 22.70 1.46
CA ILE A 214 38.19 23.37 1.83
C ILE A 214 37.31 23.50 0.61
N SER A 215 36.06 23.88 0.83
CA SER A 215 35.10 24.15 -0.24
C SER A 215 35.00 22.98 -1.21
N ASN A 216 35.26 21.79 -0.71
CA ASN A 216 35.01 20.60 -1.49
C ASN A 216 33.51 20.36 -1.42
N ARG A 217 32.85 20.41 -2.57
CA ARG A 217 31.39 20.35 -2.57
C ARG A 217 30.92 19.06 -3.21
N VAL A 218 29.94 18.42 -2.59
CA VAL A 218 29.43 17.18 -3.11
C VAL A 218 27.97 17.30 -3.42
N GLN A 219 27.48 16.40 -4.26
CA GLN A 219 26.07 16.26 -4.50
C GLN A 219 25.80 14.79 -4.68
N ILE A 220 24.71 14.31 -4.08
CA ILE A 220 24.52 12.89 -3.95
C ILE A 220 23.16 12.46 -4.48
N PHE A 221 23.15 11.39 -5.27
CA PHE A 221 21.93 10.92 -5.92
C PHE A 221 21.62 9.49 -5.50
N VAL A 222 20.34 9.20 -5.27
CA VAL A 222 19.94 7.89 -4.82
C VAL A 222 19.01 7.20 -5.79
N SER A 223 19.44 6.06 -6.32
CA SER A 223 18.61 5.29 -7.23
C SER A 223 18.49 3.85 -6.79
N PHE A 224 17.27 3.32 -6.76
CA PHE A 224 17.03 1.95 -6.35
C PHE A 224 17.46 0.98 -7.44
N ARG A 225 17.68 -0.28 -7.08
CA ARG A 225 17.90 -1.31 -8.08
C ARG A 225 17.07 -2.55 -7.79
N CYS A 226 16.23 -2.93 -8.76
CA CYS A 226 15.28 -4.04 -8.60
C CYS A 226 14.57 -4.03 -7.26
N PRO A 227 13.81 -2.97 -6.97
CA PRO A 227 13.14 -2.80 -5.68
C PRO A 227 12.10 -3.86 -5.45
N ASN A 228 11.82 -4.19 -4.20
CA ASN A 228 10.67 -5.02 -3.92
C ASN A 228 9.74 -4.25 -3.01
N PHE A 229 8.60 -3.82 -3.52
CA PHE A 229 7.66 -3.09 -2.68
C PHE A 229 6.52 -3.98 -2.22
N PHE A 230 6.25 -3.93 -0.93
CA PHE A 230 5.24 -4.78 -0.34
C PHE A 230 4.14 -3.96 0.31
N PHE A 231 2.90 -4.34 -0.02
CA PHE A 231 1.69 -3.81 0.59
C PHE A 231 1.48 -2.36 0.18
N PRO A 232 0.23 -1.99 -0.13
CA PRO A 232 -0.02 -0.60 -0.49
C PRO A 232 -0.52 0.26 0.66
N LEU A 233 -0.63 1.56 0.42
CA LEU A 233 -1.18 2.51 1.37
C LEU A 233 -2.03 3.49 0.58
N PRO A 234 -2.87 4.29 1.25
CA PRO A 234 -3.62 5.23 0.42
C PRO A 234 -2.73 6.35 -0.08
N ALA A 235 -3.19 7.07 -1.10
CA ALA A 235 -2.41 8.17 -1.64
C ALA A 235 -2.30 9.29 -0.63
N PRO A 236 -1.08 9.67 -0.28
CA PRO A 236 -0.72 10.66 0.73
C PRO A 236 -1.12 12.08 0.39
N ARG A 237 -1.42 12.86 1.42
CA ARG A 237 -1.83 14.24 1.27
C ARG A 237 -0.64 15.12 0.98
N GLU A 238 -0.82 16.12 0.13
CA GLU A 238 0.21 17.12 -0.06
C GLU A 238 0.24 18.01 1.18
N ALA A 239 1.44 18.27 1.70
CA ALA A 239 1.56 19.06 2.92
C ALA A 239 1.97 20.47 2.60
N THR A 240 1.03 21.41 2.76
CA THR A 240 1.32 22.81 2.58
C THR A 240 1.95 23.39 3.85
N SER A 241 1.50 22.89 5.00
CA SER A 241 1.95 23.42 6.29
C SER A 241 3.23 22.75 6.78
N ALA A 242 3.56 21.61 6.17
CA ALA A 242 4.71 20.80 6.58
C ALA A 242 4.62 20.43 8.06
N ASP B 37 22.68 -48.00 37.61
CA ASP B 37 23.23 -46.81 38.25
C ASP B 37 24.05 -46.02 37.24
N ARG B 38 23.37 -45.45 36.26
CA ARG B 38 24.06 -44.75 35.18
C ARG B 38 23.47 -43.38 34.95
N VAL B 39 23.96 -42.69 33.93
CA VAL B 39 23.53 -41.35 33.62
C VAL B 39 22.18 -41.38 32.91
N ALA B 40 21.22 -40.66 33.46
CA ALA B 40 19.89 -40.60 32.87
C ALA B 40 19.48 -39.17 32.62
N ALA B 41 19.12 -38.86 31.38
CA ALA B 41 18.71 -37.52 31.01
C ALA B 41 17.23 -37.49 30.74
N SER B 42 16.60 -36.36 31.03
CA SER B 42 15.17 -36.22 30.81
C SER B 42 14.84 -34.85 30.25
N THR B 43 14.11 -34.79 29.15
CA THR B 43 13.83 -33.52 28.50
C THR B 43 12.37 -33.38 28.10
N THR B 44 11.74 -32.31 28.57
CA THR B 44 10.37 -32.00 28.18
C THR B 44 10.24 -30.53 27.82
N THR B 45 9.81 -30.26 26.60
CA THR B 45 9.63 -28.90 26.10
C THR B 45 10.92 -28.11 26.33
N ASN B 46 10.88 -27.07 27.14
CA ASN B 46 12.06 -26.28 27.41
C ASN B 46 12.95 -26.90 28.46
N ALA B 47 12.35 -27.39 29.53
CA ALA B 47 13.12 -27.89 30.66
C ALA B 47 13.83 -29.18 30.31
N GLY B 48 14.92 -29.46 31.02
CA GLY B 48 15.63 -30.71 30.85
C GLY B 48 16.35 -31.10 32.12
N ASN B 49 16.57 -32.39 32.30
CA ASN B 49 17.08 -32.90 33.55
C ASN B 49 18.19 -33.92 33.33
N LEU B 50 19.37 -33.61 33.84
CA LEU B 50 20.52 -34.49 33.69
C LEU B 50 20.88 -35.09 35.04
N VAL B 51 20.64 -36.38 35.21
CA VAL B 51 20.77 -37.02 36.50
C VAL B 51 21.93 -38.00 36.47
N GLN B 52 22.66 -38.08 37.58
CA GLN B 52 23.67 -39.11 37.75
C GLN B 52 23.24 -40.03 38.87
N ALA B 53 23.71 -41.27 38.83
CA ALA B 53 23.32 -42.29 39.81
C ALA B 53 21.82 -42.49 39.84
N SER B 54 21.24 -42.70 38.67
CA SER B 54 19.80 -42.87 38.52
C SER B 54 19.32 -44.23 39.01
N VAL B 55 18.02 -44.32 39.24
CA VAL B 55 17.38 -45.58 39.60
C VAL B 55 16.26 -45.86 38.61
N ALA B 56 16.13 -47.11 38.18
CA ALA B 56 15.07 -47.50 37.26
C ALA B 56 13.69 -47.13 37.81
N PRO B 57 12.81 -46.61 36.96
CA PRO B 57 11.50 -46.09 37.34
C PRO B 57 10.51 -47.16 37.78
N THR B 58 9.42 -46.75 38.42
CA THR B 58 8.38 -47.67 38.84
C THR B 58 7.02 -47.28 38.30
N MET B 59 6.14 -48.27 38.17
CA MET B 59 4.78 -48.03 37.72
C MET B 59 3.84 -49.03 38.39
N PRO B 60 2.58 -48.62 38.64
CA PRO B 60 1.60 -49.51 39.26
C PRO B 60 1.32 -50.75 38.40
N VAL B 61 0.92 -51.84 39.05
CA VAL B 61 0.74 -53.13 38.39
C VAL B 61 -0.32 -53.06 37.30
N LYS B 62 0.04 -53.59 36.12
CA LYS B 62 -0.83 -53.52 34.94
C LYS B 62 -1.21 -52.07 34.65
N PRO B 63 -0.23 -51.23 34.34
CA PRO B 63 -0.55 -49.84 34.03
C PRO B 63 -1.11 -49.70 32.63
N ASP B 64 -2.02 -48.75 32.43
CA ASP B 64 -2.45 -48.41 31.07
C ASP B 64 -2.36 -46.91 30.90
N PHE B 65 -1.43 -46.46 30.06
CA PHE B 65 -1.14 -45.04 29.91
C PHE B 65 -1.86 -44.35 28.78
N LYS B 66 -2.75 -45.07 28.10
CA LYS B 66 -3.50 -44.46 27.01
C LYS B 66 -4.30 -43.27 27.53
N ASN B 67 -4.10 -42.12 26.90
CA ASN B 67 -4.61 -40.85 27.40
C ASN B 67 -6.13 -40.76 27.38
N THR B 68 -6.70 -40.98 26.21
CA THR B 68 -8.12 -40.78 25.99
C THR B 68 -8.96 -41.73 26.84
N ASP B 69 -10.20 -41.35 27.08
CA ASP B 69 -11.08 -42.16 27.91
C ASP B 69 -12.19 -42.76 27.07
N ASP B 70 -12.15 -44.09 26.93
CA ASP B 70 -13.19 -44.82 26.24
C ASP B 70 -13.75 -45.91 27.15
N PHE B 71 -15.03 -45.84 27.48
CA PHE B 71 -15.98 -44.85 26.97
C PHE B 71 -15.78 -43.43 27.47
N LEU B 72 -16.35 -42.48 26.73
CA LEU B 72 -16.09 -41.06 26.96
C LEU B 72 -17.09 -40.43 27.91
N SER B 73 -16.56 -39.67 28.86
CA SER B 73 -17.39 -38.91 29.78
C SER B 73 -17.52 -37.49 29.27
N MET B 74 -16.84 -37.20 28.16
CA MET B 74 -16.88 -35.87 27.56
C MET B 74 -16.95 -36.00 26.04
N SER B 75 -17.88 -35.27 25.44
CA SER B 75 -18.08 -35.37 24.00
C SER B 75 -17.06 -34.55 23.24
N TYR B 76 -16.33 -33.70 23.93
CA TYR B 76 -15.41 -32.78 23.27
C TYR B 76 -14.23 -33.53 22.67
N ARG B 77 -13.54 -32.91 21.73
CA ARG B 77 -12.32 -33.49 21.19
C ARG B 77 -11.13 -33.07 22.01
N SER B 78 -10.24 -34.01 22.27
CA SER B 78 -9.17 -33.83 23.23
C SER B 78 -8.14 -32.78 22.81
N THR B 79 -8.27 -32.29 21.59
CA THR B 79 -7.36 -31.26 21.10
C THR B 79 -7.91 -29.89 21.43
N THR B 80 -9.00 -29.85 22.20
CA THR B 80 -9.63 -28.60 22.58
C THR B 80 -8.68 -27.62 23.26
N ALA B 81 -8.03 -28.08 24.32
CA ALA B 81 -7.22 -27.22 25.17
C ALA B 81 -6.17 -26.38 24.43
N PRO B 82 -5.32 -27.01 23.59
CA PRO B 82 -4.37 -26.15 22.90
C PRO B 82 -5.03 -25.27 21.83
N THR B 83 -6.15 -25.74 21.31
CA THR B 83 -6.84 -25.04 20.24
C THR B 83 -7.59 -23.83 20.79
N ASN B 84 -8.01 -23.94 22.05
CA ASN B 84 -8.90 -22.96 22.68
C ASN B 84 -8.60 -21.48 22.47
N PRO B 85 -7.32 -21.05 22.54
CA PRO B 85 -7.09 -19.62 22.32
C PRO B 85 -7.48 -19.11 20.94
N THR B 86 -7.71 -20.00 19.98
CA THR B 86 -8.10 -19.58 18.65
C THR B 86 -9.57 -19.17 18.57
N LYS B 87 -10.30 -19.33 19.67
CA LYS B 87 -11.74 -19.09 19.67
C LYS B 87 -12.09 -17.64 19.39
N MET B 88 -13.13 -17.42 18.58
CA MET B 88 -13.52 -16.08 18.17
C MET B 88 -14.25 -15.35 19.28
N VAL B 89 -13.95 -14.05 19.43
CA VAL B 89 -14.41 -13.30 20.58
C VAL B 89 -14.96 -11.93 20.19
N HIS B 90 -16.01 -11.47 20.88
CA HIS B 90 -16.48 -10.10 20.77
C HIS B 90 -15.36 -9.08 20.99
N LEU B 91 -15.28 -8.09 20.13
CA LEU B 91 -14.22 -7.08 20.24
C LEU B 91 -14.71 -5.66 20.02
N ALA B 92 -14.58 -4.83 21.05
CA ALA B 92 -14.69 -3.37 20.94
C ALA B 92 -15.86 -2.86 20.09
N HIS B 93 -17.07 -2.98 20.61
CA HIS B 93 -18.23 -2.46 19.89
C HIS B 93 -18.23 -0.93 19.88
N GLY B 94 -18.99 -0.35 18.96
CA GLY B 94 -19.08 1.10 18.85
C GLY B 94 -20.44 1.55 18.37
N THR B 95 -20.74 2.83 18.56
CA THR B 95 -22.07 3.34 18.23
C THR B 95 -22.03 4.42 17.17
N TRP B 96 -22.63 4.11 16.02
CA TRP B 96 -22.63 5.03 14.89
C TRP B 96 -23.98 5.68 14.65
N THR B 97 -24.02 6.99 14.89
CA THR B 97 -25.27 7.75 14.86
C THR B 97 -25.41 8.61 13.62
N THR B 98 -26.49 9.38 13.56
CA THR B 98 -26.70 10.32 12.49
C THR B 98 -25.60 11.37 12.47
N ASN B 99 -25.44 12.04 13.62
CA ASN B 99 -24.66 13.27 13.72
C ASN B 99 -23.27 13.17 13.13
N GLN B 100 -22.66 12.01 13.24
CA GLN B 100 -21.30 11.84 12.76
C GLN B 100 -21.24 11.97 11.25
N HIS B 101 -20.35 12.85 10.80
CA HIS B 101 -20.16 13.09 9.39
C HIS B 101 -19.25 12.05 8.75
N ARG B 102 -18.85 12.33 7.53
CA ARG B 102 -17.95 11.45 6.79
C ARG B 102 -16.55 11.62 7.36
N GLN B 103 -15.68 10.65 7.10
CA GLN B 103 -14.29 10.66 7.60
C GLN B 103 -14.22 10.50 9.12
N ALA B 104 -15.36 10.48 9.79
CA ALA B 104 -15.40 10.29 11.24
C ALA B 104 -15.11 8.83 11.59
N LEU B 105 -14.74 8.58 12.83
CA LEU B 105 -14.37 7.25 13.27
C LEU B 105 -15.42 6.64 14.18
N VAL B 106 -16.01 5.53 13.74
CA VAL B 106 -17.02 4.84 14.53
C VAL B 106 -16.42 4.11 15.72
N ALA B 107 -15.44 3.25 15.46
CA ALA B 107 -14.84 2.44 16.51
C ALA B 107 -13.39 2.13 16.18
N SER B 108 -12.62 1.74 17.20
CA SER B 108 -11.20 1.50 17.01
C SER B 108 -10.73 0.25 17.72
N ILE B 109 -9.88 -0.51 17.05
CA ILE B 109 -9.37 -1.76 17.61
C ILE B 109 -7.87 -1.83 17.38
N THR B 110 -7.12 -2.01 18.45
CA THR B 110 -5.68 -2.23 18.32
C THR B 110 -5.43 -3.71 18.26
N LEU B 111 -5.01 -4.17 17.09
CA LEU B 111 -5.19 -5.57 16.71
C LEU B 111 -4.63 -6.60 17.66
N LEU B 112 -3.33 -6.53 17.93
CA LEU B 112 -2.68 -7.62 18.65
C LEU B 112 -2.92 -7.56 20.15
N GLN B 113 -3.15 -6.36 20.66
CA GLN B 113 -3.42 -6.16 22.08
C GLN B 113 -4.91 -6.34 22.34
N ALA B 114 -5.66 -6.62 21.27
CA ALA B 114 -7.11 -6.69 21.35
C ALA B 114 -7.61 -8.01 21.89
N PHE B 115 -6.88 -9.09 21.63
CA PHE B 115 -7.41 -10.41 21.98
C PHE B 115 -7.18 -10.77 23.43
N TRP B 116 -6.29 -10.06 24.11
CA TRP B 116 -6.16 -10.28 25.54
C TRP B 116 -5.92 -9.03 26.37
N PRO B 117 -6.83 -8.05 26.30
CA PRO B 117 -6.64 -6.89 27.16
C PRO B 117 -6.95 -7.20 28.62
N ASN B 118 -7.81 -8.19 28.83
CA ASN B 118 -8.33 -8.51 30.15
C ASN B 118 -7.95 -9.96 30.48
N GLN B 119 -8.32 -10.45 31.65
CA GLN B 119 -8.06 -11.85 31.99
C GLN B 119 -9.18 -12.73 31.48
N ASP B 120 -10.27 -12.12 31.06
CA ASP B 120 -11.47 -12.85 30.71
C ASP B 120 -11.34 -13.59 29.40
N PHE B 121 -10.55 -13.04 28.48
CA PHE B 121 -10.45 -13.60 27.14
C PHE B 121 -9.69 -14.92 27.14
N PRO B 122 -10.06 -15.83 26.24
CA PRO B 122 -9.53 -17.19 26.17
C PRO B 122 -8.05 -17.28 25.83
N ALA B 123 -7.53 -16.32 25.09
CA ALA B 123 -6.14 -16.40 24.65
C ALA B 123 -5.20 -15.69 25.60
N TRP B 124 -5.75 -15.16 26.68
CA TRP B 124 -4.97 -14.35 27.60
C TRP B 124 -4.02 -15.19 28.41
N GLY B 125 -4.57 -16.12 29.17
CA GLY B 125 -3.77 -16.98 30.04
C GLY B 125 -2.54 -17.59 29.41
N GLN B 126 -2.63 -17.97 28.14
CA GLN B 126 -1.50 -18.60 27.47
C GLN B 126 -0.62 -17.59 26.75
N SER B 127 -1.06 -16.35 26.68
CA SER B 127 -0.24 -15.29 26.09
C SER B 127 0.47 -14.52 27.17
N ARG B 128 0.21 -14.87 28.42
CA ARG B 128 0.79 -14.15 29.53
C ARG B 128 2.15 -14.74 29.87
N TYR B 129 2.56 -15.74 29.09
CA TYR B 129 3.88 -16.32 29.23
C TYR B 129 4.75 -15.96 28.05
N PHE B 130 4.39 -16.46 26.88
CA PHE B 130 5.24 -16.31 25.70
C PHE B 130 5.17 -14.88 25.16
N ALA B 131 6.32 -14.34 24.78
CA ALA B 131 6.43 -12.90 24.51
C ALA B 131 6.33 -12.47 23.05
N ALA B 132 6.18 -13.41 22.12
CA ALA B 132 6.15 -13.02 20.71
C ALA B 132 4.97 -13.62 19.96
N VAL B 133 4.55 -12.98 18.88
CA VAL B 133 3.41 -13.47 18.12
C VAL B 133 3.63 -13.44 16.62
N ARG B 134 3.52 -14.62 16.00
CA ARG B 134 3.58 -14.76 14.55
C ARG B 134 2.17 -14.88 13.97
N CYS B 135 1.17 -14.87 14.84
CA CYS B 135 -0.19 -15.26 14.49
C CYS B 135 -0.82 -14.47 13.35
N GLY B 136 -1.69 -15.13 12.59
CA GLY B 136 -2.48 -14.48 11.57
C GLY B 136 -3.80 -14.04 12.18
N PHE B 137 -4.65 -13.37 11.42
CA PHE B 137 -5.85 -12.75 12.00
C PHE B 137 -7.10 -12.96 11.17
N HIS B 138 -8.21 -13.23 11.85
CA HIS B 138 -9.49 -13.35 11.20
C HIS B 138 -10.51 -12.47 11.90
N ILE B 139 -11.00 -11.44 11.21
CA ILE B 139 -11.96 -10.55 11.83
C ILE B 139 -13.21 -10.37 10.99
N GLN B 140 -14.35 -10.62 11.61
CA GLN B 140 -15.64 -10.58 10.95
C GLN B 140 -16.46 -9.44 11.50
N VAL B 141 -16.69 -8.39 10.71
CA VAL B 141 -17.40 -7.24 11.25
C VAL B 141 -18.90 -7.49 11.25
N GLN B 142 -19.49 -7.47 12.43
CA GLN B 142 -20.93 -7.68 12.57
C GLN B 142 -21.63 -6.35 12.54
N LEU B 143 -22.76 -6.28 11.85
CA LEU B 143 -23.55 -5.07 11.80
C LEU B 143 -25.02 -5.38 11.56
N ASN B 144 -25.90 -4.56 12.14
CA ASN B 144 -27.33 -4.73 11.91
C ASN B 144 -28.00 -3.40 11.65
N VAL B 145 -28.60 -3.26 10.47
CA VAL B 145 -29.31 -2.04 10.12
C VAL B 145 -30.78 -2.33 9.85
N ASN B 146 -31.63 -1.64 10.59
CA ASN B 146 -33.07 -1.70 10.35
C ASN B 146 -33.32 -1.30 8.91
N ILE B 147 -34.04 -2.16 8.20
CA ILE B 147 -34.32 -1.95 6.78
C ILE B 147 -34.98 -0.60 6.59
N GLY B 148 -34.49 0.17 5.63
CA GLY B 148 -34.97 1.52 5.45
C GLY B 148 -33.99 2.58 5.92
N SER B 149 -32.77 2.16 6.22
CA SER B 149 -31.70 3.11 6.50
C SER B 149 -30.59 2.95 5.47
N ALA B 150 -29.91 4.04 5.15
CA ALA B 150 -28.90 4.02 4.09
C ALA B 150 -27.64 4.76 4.47
N GLY B 151 -26.50 4.13 4.22
CA GLY B 151 -25.20 4.69 4.56
C GLY B 151 -24.16 3.60 4.57
N CYS B 152 -22.88 3.95 4.73
CA CYS B 152 -21.84 2.94 4.74
C CYS B 152 -20.72 3.21 5.72
N LEU B 153 -20.25 2.14 6.35
CA LEU B 153 -19.06 2.20 7.14
C LEU B 153 -18.01 1.41 6.40
N ILE B 154 -16.74 1.76 6.55
CA ILE B 154 -15.70 1.00 5.89
C ILE B 154 -14.81 0.36 6.93
N ALA B 155 -14.57 -0.92 6.77
CA ALA B 155 -13.65 -1.63 7.63
C ALA B 155 -12.31 -1.75 6.92
N ALA B 156 -11.30 -1.08 7.46
CA ALA B 156 -9.99 -1.11 6.85
C ALA B 156 -9.02 -1.83 7.75
N TYR B 157 -7.77 -1.95 7.31
CA TYR B 157 -6.71 -2.46 8.15
C TYR B 157 -5.44 -1.66 8.03
N MET B 158 -5.00 -1.06 9.12
CA MET B 158 -3.80 -0.25 9.10
C MET B 158 -2.72 -0.85 9.99
N PRO B 159 -1.60 -1.28 9.40
CA PRO B 159 -0.47 -1.80 10.18
C PRO B 159 0.15 -0.70 11.04
N LYS B 160 0.93 -1.08 12.05
CA LYS B 160 1.42 -0.11 13.03
C LYS B 160 2.18 1.04 12.42
N THR B 161 3.26 0.72 11.72
CA THR B 161 4.12 1.73 11.14
C THR B 161 3.38 2.62 10.15
N ALA B 162 2.24 2.14 9.67
CA ALA B 162 1.34 3.00 8.91
C ALA B 162 0.51 3.84 9.86
N HIS B 163 0.04 3.22 10.94
CA HIS B 163 -0.88 3.88 11.87
C HIS B 163 -0.26 5.06 12.59
N ASP B 164 1.08 5.13 12.58
CA ASP B 164 1.80 6.17 13.29
C ASP B 164 1.32 7.57 12.93
N HIS B 165 0.87 7.71 11.69
CA HIS B 165 0.39 8.98 11.18
C HIS B 165 -0.87 8.88 10.34
N MET B 166 -1.95 9.49 10.83
CA MET B 166 -3.20 9.60 10.08
C MET B 166 -3.12 10.76 9.12
N ASN B 167 -2.38 11.79 9.53
CA ASN B 167 -2.41 13.09 8.89
C ASN B 167 -1.93 13.07 7.45
N THR B 168 -1.21 12.03 7.08
CA THR B 168 -0.63 11.97 5.74
C THR B 168 -1.62 11.53 4.68
N TYR B 169 -2.64 10.77 5.08
CA TYR B 169 -3.47 10.07 4.11
C TYR B 169 -4.69 10.85 3.64
N THR B 170 -4.89 10.88 2.33
CA THR B 170 -6.14 11.37 1.77
C THR B 170 -7.23 10.40 2.13
N PHE B 171 -8.42 10.88 2.44
CA PHE B 171 -9.47 9.96 2.86
C PHE B 171 -10.03 9.20 1.68
N GLY B 172 -10.21 9.88 0.57
CA GLY B 172 -10.81 9.26 -0.60
C GLY B 172 -10.06 8.05 -1.12
N SER B 173 -8.82 7.89 -0.67
CA SER B 173 -7.98 6.79 -1.14
C SER B 173 -7.87 5.58 -0.21
N TYR B 174 -8.55 5.60 0.95
CA TYR B 174 -8.41 4.49 1.90
C TYR B 174 -8.77 3.13 1.34
N THR B 175 -9.42 3.09 0.20
CA THR B 175 -9.80 1.82 -0.37
C THR B 175 -8.61 1.05 -0.95
N ASN B 176 -7.43 1.67 -0.95
CA ASN B 176 -6.21 0.96 -1.37
C ASN B 176 -5.87 -0.12 -0.36
N LEU B 177 -6.28 0.09 0.88
CA LEU B 177 -5.97 -0.84 1.95
C LEU B 177 -6.72 -2.14 1.75
N PRO B 178 -6.23 -3.23 2.35
CA PRO B 178 -7.12 -4.39 2.40
C PRO B 178 -8.35 -4.01 3.18
N HIS B 179 -9.55 -4.22 2.64
CA HIS B 179 -10.74 -3.70 3.29
C HIS B 179 -11.98 -4.38 2.79
N VAL B 180 -13.11 -3.99 3.37
CA VAL B 180 -14.39 -4.32 2.80
C VAL B 180 -15.38 -3.19 3.05
N LEU B 181 -16.08 -2.79 1.99
CA LEU B 181 -17.13 -1.79 2.13
C LEU B 181 -18.32 -2.46 2.76
N MET B 182 -19.11 -1.69 3.51
CA MET B 182 -20.34 -2.25 4.06
C MET B 182 -21.53 -1.35 3.76
N ASN B 183 -22.44 -1.85 2.94
CA ASN B 183 -23.66 -1.12 2.64
C ASN B 183 -24.63 -1.29 3.80
N ALA B 184 -25.40 -0.24 4.08
CA ALA B 184 -26.41 -0.32 5.11
C ALA B 184 -27.36 -1.46 4.77
N ALA B 185 -28.08 -1.28 3.67
CA ALA B 185 -28.98 -2.32 3.20
C ALA B 185 -28.20 -3.53 2.75
N THR B 186 -28.85 -4.70 2.82
CA THR B 186 -28.39 -5.96 2.25
C THR B 186 -26.91 -6.33 2.49
N THR B 187 -26.38 -5.96 3.64
CA THR B 187 -25.15 -6.58 4.14
C THR B 187 -25.29 -6.92 5.61
N SER B 188 -25.27 -8.20 5.92
CA SER B 188 -25.34 -8.66 7.30
C SER B 188 -23.97 -8.64 7.96
N GLN B 189 -22.97 -9.10 7.22
CA GLN B 189 -21.66 -9.37 7.78
C GLN B 189 -20.57 -9.07 6.77
N ALA B 190 -19.40 -8.68 7.26
CA ALA B 190 -18.27 -8.42 6.39
C ALA B 190 -17.08 -9.26 6.84
N ASP B 191 -16.67 -10.20 6.00
CA ASP B 191 -15.63 -11.15 6.36
C ASP B 191 -14.31 -10.78 5.71
N LEU B 192 -13.32 -10.42 6.51
CA LEU B 192 -12.00 -10.12 5.96
C LEU B 192 -10.91 -10.88 6.68
N TYR B 193 -10.01 -11.48 5.90
CA TYR B 193 -8.90 -12.24 6.44
C TYR B 193 -7.61 -11.44 6.32
N ILE B 194 -6.88 -11.32 7.41
CA ILE B 194 -5.64 -10.55 7.37
C ILE B 194 -4.45 -11.45 7.66
N PRO B 195 -3.56 -11.61 6.68
CA PRO B 195 -2.33 -12.34 6.91
C PRO B 195 -1.41 -11.51 7.78
N TYR B 196 -0.37 -12.11 8.35
CA TYR B 196 0.54 -11.35 9.19
C TYR B 196 1.35 -10.37 8.34
N VAL B 197 1.24 -9.08 8.63
CA VAL B 197 2.05 -8.08 7.91
C VAL B 197 2.67 -7.07 8.87
N PHE B 198 3.99 -7.11 8.99
CA PHE B 198 4.68 -6.21 9.89
C PHE B 198 6.16 -6.15 9.53
N ASN B 199 6.84 -5.09 9.95
CA ASN B 199 8.25 -4.91 9.62
C ASN B 199 9.08 -6.08 10.11
N HIS B 200 9.20 -6.17 11.43
CA HIS B 200 10.02 -7.15 12.08
C HIS B 200 9.44 -8.53 11.87
N ASN B 201 10.26 -9.56 12.02
CA ASN B 201 9.85 -10.92 11.76
C ASN B 201 8.78 -11.36 12.75
N TYR B 202 9.07 -11.22 14.04
CA TYR B 202 8.10 -11.48 15.10
C TYR B 202 7.67 -10.20 15.80
N ALA B 203 6.44 -10.21 16.32
CA ALA B 203 5.90 -9.02 16.95
C ALA B 203 5.57 -9.26 18.41
N ARG B 204 5.77 -8.22 19.22
CA ARG B 204 5.55 -8.30 20.66
C ARG B 204 4.07 -8.35 21.03
N THR B 205 3.74 -9.27 21.93
CA THR B 205 2.34 -9.50 22.30
C THR B 205 1.71 -8.28 22.92
N ASP B 206 2.33 -7.83 24.00
CA ASP B 206 1.72 -6.85 24.89
C ASP B 206 1.61 -5.48 24.21
N SER B 207 2.17 -5.34 23.03
CA SER B 207 2.14 -4.06 22.32
C SER B 207 1.15 -4.05 21.17
N ASP B 208 1.16 -2.93 20.45
CA ASP B 208 0.22 -2.67 19.36
C ASP B 208 0.76 -3.09 18.01
N ASP B 209 1.90 -3.77 18.02
CA ASP B 209 2.74 -3.90 16.84
C ASP B 209 2.04 -4.29 15.55
N LEU B 210 0.98 -5.08 15.62
CA LEU B 210 0.27 -5.45 14.40
C LEU B 210 -0.61 -4.34 13.83
N GLY B 211 -0.68 -3.21 14.52
CA GLY B 211 -1.55 -2.14 14.09
C GLY B 211 -2.97 -2.46 14.50
N GLY B 212 -3.93 -2.11 13.67
CA GLY B 212 -5.30 -2.44 13.99
C GLY B 212 -6.37 -1.99 13.03
N ILE B 213 -7.54 -2.62 13.13
CA ILE B 213 -8.67 -2.29 12.28
C ILE B 213 -9.39 -1.06 12.78
N TYR B 214 -9.62 -0.13 11.86
CA TYR B 214 -10.30 1.11 12.17
C TYR B 214 -11.48 1.24 11.25
N ILE B 215 -12.63 1.59 11.81
CA ILE B 215 -13.85 1.61 11.01
C ILE B 215 -14.36 3.04 10.84
N TRP B 216 -14.50 3.46 9.59
CA TRP B 216 -14.71 4.86 9.25
C TRP B 216 -16.07 5.06 8.61
N VAL B 217 -16.58 6.27 8.65
CA VAL B 217 -17.89 6.54 8.05
C VAL B 217 -17.72 6.94 6.60
N TRP B 218 -18.21 6.10 5.70
CA TRP B 218 -18.04 6.33 4.27
C TRP B 218 -19.08 7.31 3.79
N SER B 219 -20.28 7.21 4.35
CA SER B 219 -21.31 8.21 4.15
C SER B 219 -22.25 8.21 5.35
N ALA B 220 -22.83 9.36 5.67
CA ALA B 220 -23.74 9.47 6.79
C ALA B 220 -24.94 8.56 6.60
N LEU B 221 -25.50 8.03 7.68
CA LEU B 221 -26.74 7.29 7.57
C LEU B 221 -27.92 8.23 7.49
N THR B 222 -29.00 7.77 6.88
CA THR B 222 -30.19 8.56 6.71
C THR B 222 -31.40 7.88 7.34
N VAL B 223 -31.94 8.52 8.38
CA VAL B 223 -33.02 7.92 9.14
C VAL B 223 -34.34 8.63 8.97
N PRO B 224 -35.36 7.88 8.52
CA PRO B 224 -36.76 8.30 8.53
C PRO B 224 -37.37 8.16 9.91
N SER B 225 -38.44 8.88 10.20
CA SER B 225 -39.04 8.85 11.52
C SER B 225 -40.35 8.08 11.55
N GLY B 226 -40.59 7.35 12.64
CA GLY B 226 -39.60 7.16 13.69
C GLY B 226 -38.73 5.94 13.49
N SER B 227 -37.48 6.04 13.92
CA SER B 227 -36.56 4.91 13.93
C SER B 227 -35.57 5.07 15.06
N PRO B 228 -35.01 3.96 15.56
CA PRO B 228 -33.89 4.11 16.48
C PRO B 228 -32.71 4.78 15.80
N THR B 229 -32.18 5.82 16.42
CA THR B 229 -31.10 6.60 15.81
C THR B 229 -29.79 5.83 15.78
N THR B 230 -29.35 5.36 16.94
CA THR B 230 -28.05 4.71 17.04
C THR B 230 -28.06 3.35 16.40
N VAL B 231 -27.15 3.12 15.46
CA VAL B 231 -26.99 1.82 14.85
C VAL B 231 -25.74 1.17 15.42
N ASP B 232 -25.93 0.12 16.21
CA ASP B 232 -24.84 -0.46 16.97
C ASP B 232 -23.93 -1.31 16.10
N VAL B 233 -22.63 -1.15 16.28
CA VAL B 233 -21.63 -1.88 15.52
C VAL B 233 -20.69 -2.65 16.41
N THR B 234 -20.64 -3.97 16.22
CA THR B 234 -19.79 -4.83 17.02
C THR B 234 -18.82 -5.56 16.13
N ILE B 235 -17.52 -5.42 16.40
CA ILE B 235 -16.53 -6.08 15.59
C ILE B 235 -16.25 -7.42 16.21
N PHE B 236 -16.68 -8.48 15.54
CA PHE B 236 -16.65 -9.78 16.16
C PHE B 236 -15.45 -10.50 15.57
N GLY B 237 -14.40 -10.62 16.37
CA GLY B 237 -13.12 -11.03 15.83
C GLY B 237 -12.83 -12.51 15.96
N SER B 238 -11.60 -12.89 15.66
CA SER B 238 -11.14 -14.26 15.78
C SER B 238 -9.64 -14.30 15.61
N LEU B 239 -9.06 -15.50 15.63
CA LEU B 239 -7.64 -15.63 15.41
C LEU B 239 -7.33 -16.98 14.80
N LEU B 240 -6.30 -17.04 13.98
CA LEU B 240 -5.92 -18.28 13.30
C LEU B 240 -4.41 -18.38 13.15
N ASP B 241 -3.92 -19.58 12.85
CA ASP B 241 -2.50 -19.84 12.68
C ASP B 241 -1.71 -19.43 13.92
N LEU B 242 -2.13 -19.93 15.08
CA LEU B 242 -1.58 -19.55 16.36
C LEU B 242 -0.09 -19.83 16.49
N ASP B 243 0.66 -18.87 17.05
CA ASP B 243 2.09 -19.04 17.33
C ASP B 243 2.56 -18.24 18.53
N PHE B 244 3.49 -18.82 19.29
CA PHE B 244 4.13 -18.12 20.40
C PHE B 244 5.57 -18.59 20.55
N GLN B 245 6.41 -17.73 21.09
CA GLN B 245 7.86 -17.98 21.20
C GLN B 245 8.45 -17.17 22.34
N CYS B 246 9.71 -17.46 22.69
CA CYS B 246 10.50 -16.60 23.57
C CYS B 246 9.92 -16.37 24.95
N PRO B 247 10.00 -17.38 25.83
CA PRO B 247 9.51 -17.36 27.21
C PRO B 247 9.97 -16.15 28.02
N ARG B 248 9.11 -15.64 28.88
CA ARG B 248 9.45 -14.56 29.79
C ARG B 248 8.77 -14.77 31.13
N PRO B 249 9.28 -14.12 32.19
CA PRO B 249 8.53 -14.03 33.44
C PRO B 249 7.13 -13.52 33.17
N PRO B 250 6.14 -14.07 33.87
CA PRO B 250 4.70 -13.87 33.61
C PRO B 250 4.24 -12.42 33.45
N GLY B 251 4.70 -11.52 34.30
CA GLY B 251 4.22 -10.14 34.26
C GLY B 251 5.12 -9.13 33.60
N ALA B 252 6.37 -9.50 33.37
CA ALA B 252 7.37 -8.54 32.91
C ALA B 252 7.41 -8.41 31.40
N ASP B 253 7.64 -7.20 30.92
CA ASP B 253 7.85 -6.93 29.51
C ASP B 253 9.28 -7.24 29.09
N THR B 254 9.47 -7.55 27.82
CA THR B 254 10.81 -7.79 27.28
C THR B 254 10.96 -7.26 25.86
N VAL B 255 12.08 -6.60 25.59
CA VAL B 255 12.34 -6.09 24.25
C VAL B 255 12.92 -7.21 23.42
N ILE B 256 12.59 -7.24 22.12
CA ILE B 256 13.15 -8.25 21.25
C ILE B 256 13.72 -7.64 19.96
N TYR B 257 12.88 -7.03 19.14
CA TYR B 257 13.35 -6.54 17.85
C TYR B 257 14.07 -5.20 17.88
N THR B 258 13.64 -4.27 18.73
CA THR B 258 14.20 -2.93 18.69
C THR B 258 15.68 -2.92 19.06
N THR C 4 69.98 -14.56 -35.20
CA THR C 4 69.88 -16.00 -35.01
C THR C 4 69.67 -16.70 -36.35
N VAL C 5 70.62 -17.55 -36.71
CA VAL C 5 70.55 -18.32 -37.95
C VAL C 5 69.30 -19.19 -37.92
N ARG C 6 68.96 -19.67 -36.73
CA ARG C 6 67.75 -20.48 -36.59
C ARG C 6 66.71 -19.75 -35.78
N LYS C 7 65.66 -19.27 -36.46
CA LYS C 7 64.53 -18.65 -35.80
C LYS C 7 63.25 -19.08 -36.52
N THR C 8 62.27 -19.51 -35.75
CA THR C 8 61.01 -19.95 -36.33
C THR C 8 60.23 -18.71 -36.76
N LYS C 9 59.51 -18.80 -37.86
CA LYS C 9 58.72 -17.66 -38.33
C LYS C 9 57.30 -17.74 -37.78
N THR C 10 57.00 -16.80 -36.88
CA THR C 10 55.72 -16.78 -36.15
C THR C 10 55.30 -15.34 -35.92
N SER C 11 54.34 -15.15 -35.04
CA SER C 11 53.94 -13.80 -34.66
C SER C 11 55.02 -13.14 -33.80
N LYS C 12 56.04 -13.90 -33.44
CA LYS C 12 57.13 -13.42 -32.61
C LYS C 12 58.12 -12.52 -33.33
N PHE C 13 57.92 -12.29 -34.62
CA PHE C 13 58.64 -11.19 -35.27
C PHE C 13 58.31 -9.88 -34.59
N LYS C 14 57.03 -9.69 -34.32
CA LYS C 14 56.50 -8.38 -33.98
C LYS C 14 56.31 -8.13 -32.49
N TRP C 15 56.77 -9.06 -31.64
CA TRP C 15 56.97 -8.86 -30.20
C TRP C 15 55.66 -8.56 -29.43
N VAL C 16 54.56 -8.61 -30.16
CA VAL C 16 53.20 -8.38 -29.68
C VAL C 16 53.10 -6.96 -29.08
N ARG C 17 52.26 -6.79 -28.07
CA ARG C 17 51.90 -5.48 -27.53
C ARG C 17 50.75 -5.66 -26.54
N ASN C 18 50.40 -4.60 -25.85
CA ASN C 18 49.11 -4.56 -25.15
C ASN C 18 48.07 -4.15 -26.18
N LYS C 19 46.85 -4.64 -26.04
CA LYS C 19 45.78 -4.31 -26.97
C LYS C 19 45.40 -2.84 -26.82
N ILE C 20 44.97 -2.21 -27.91
CA ILE C 20 44.71 -0.78 -27.92
C ILE C 20 43.24 -0.48 -28.18
N ASP C 21 42.67 0.44 -27.40
CA ASP C 21 41.26 0.81 -27.51
C ASP C 21 41.10 2.33 -27.52
N ILE C 22 39.88 2.78 -27.81
CA ILE C 22 39.59 4.21 -27.78
C ILE C 22 38.37 4.49 -26.89
N ALA C 23 38.47 5.53 -26.06
CA ALA C 23 37.37 5.92 -25.19
C ALA C 23 36.57 7.08 -25.79
N GLU C 24 35.25 6.94 -25.86
CA GLU C 24 34.39 7.98 -26.42
C GLU C 24 34.05 9.03 -25.38
N GLY C 25 33.14 8.68 -24.48
CA GLY C 25 32.89 9.47 -23.28
C GLY C 25 34.02 9.30 -22.28
N PRO C 26 34.60 10.42 -21.82
CA PRO C 26 35.73 10.33 -20.91
C PRO C 26 35.30 10.12 -19.46
N GLY C 27 34.48 9.11 -19.21
CA GLY C 27 34.05 8.79 -17.86
C GLY C 27 32.93 9.65 -17.31
N ALA C 28 32.00 10.04 -18.16
CA ALA C 28 30.86 10.84 -17.75
C ALA C 28 29.74 9.96 -17.22
N MET C 29 29.29 10.25 -16.01
CA MET C 29 28.22 9.48 -15.37
C MET C 29 26.90 9.66 -16.11
N ASN C 30 26.11 8.60 -16.14
CA ASN C 30 24.77 8.67 -16.71
C ASN C 30 23.74 8.25 -15.69
N ILE C 31 22.84 9.17 -15.38
CA ILE C 31 21.81 8.94 -14.38
C ILE C 31 20.62 8.19 -14.95
N ALA C 32 19.96 8.81 -15.92
CA ALA C 32 18.64 8.40 -16.37
C ALA C 32 18.56 6.94 -16.80
N ASN C 33 19.43 6.53 -17.71
CA ASN C 33 19.35 5.19 -18.30
C ASN C 33 19.43 4.11 -17.24
N VAL C 34 18.45 3.20 -17.28
CA VAL C 34 18.37 2.14 -16.28
C VAL C 34 19.46 1.10 -16.50
N LEU C 35 19.74 0.78 -17.77
CA LEU C 35 20.74 -0.24 -18.09
C LEU C 35 22.09 0.05 -17.47
N SER C 36 22.61 1.26 -17.70
CA SER C 36 23.90 1.64 -17.13
C SER C 36 23.82 1.73 -15.62
N THR C 37 22.64 2.05 -15.12
CA THR C 37 22.45 2.25 -13.69
C THR C 37 22.48 0.93 -12.92
N THR C 38 21.90 -0.11 -13.52
CA THR C 38 21.81 -1.41 -12.85
C THR C 38 23.17 -1.99 -12.51
N GLY C 39 24.00 -2.16 -13.53
CA GLY C 39 25.37 -2.60 -13.29
C GLY C 39 26.12 -1.55 -12.51
N GLY C 40 27.04 -1.97 -11.67
CA GLY C 40 27.82 -1.02 -10.89
C GLY C 40 28.58 -1.65 -9.75
N GLN C 41 29.50 -0.89 -9.16
CA GLN C 41 30.35 -1.38 -8.10
C GLN C 41 29.55 -1.64 -6.83
N THR C 42 29.82 -2.77 -6.18
CA THR C 42 29.17 -3.09 -4.93
C THR C 42 30.11 -2.83 -3.76
N ILE C 43 29.61 -2.30 -2.66
CA ILE C 43 30.44 -2.17 -1.47
C ILE C 43 30.22 -3.36 -0.56
N ALA C 44 29.45 -4.33 -1.05
CA ALA C 44 29.33 -5.61 -0.36
C ALA C 44 30.64 -6.36 -0.45
N LEU C 45 30.85 -7.29 0.46
CA LEU C 45 32.00 -8.17 0.33
C LEU C 45 31.62 -9.26 -0.64
N VAL C 46 32.51 -9.48 -1.62
CA VAL C 46 32.31 -10.39 -2.76
C VAL C 46 30.94 -10.22 -3.40
N GLY C 47 30.44 -8.99 -3.39
CA GLY C 47 29.27 -8.60 -4.15
C GLY C 47 28.08 -9.51 -4.11
N GLU C 48 27.84 -10.13 -2.95
CA GLU C 48 26.77 -11.10 -2.81
C GLU C 48 25.42 -10.47 -2.59
N ARG C 49 24.36 -11.18 -2.96
CA ARG C 49 23.00 -10.67 -2.83
C ARG C 49 22.26 -11.37 -1.71
N ALA C 50 21.59 -10.59 -0.86
CA ALA C 50 20.83 -11.15 0.23
C ALA C 50 19.58 -11.83 -0.30
N PHE C 51 19.03 -12.76 0.50
CA PHE C 51 17.77 -13.39 0.14
C PHE C 51 16.65 -12.65 0.85
N TYR C 52 15.83 -11.95 0.08
CA TYR C 52 14.83 -11.06 0.65
C TYR C 52 13.67 -11.89 1.19
N ASP C 53 12.92 -11.34 2.14
CA ASP C 53 11.90 -12.13 2.82
C ASP C 53 10.51 -11.52 2.69
N PRO C 54 9.78 -11.92 1.65
CA PRO C 54 8.44 -11.42 1.34
C PRO C 54 7.37 -11.88 2.32
N ARG C 55 7.56 -13.04 2.92
CA ARG C 55 6.49 -13.67 3.70
C ARG C 55 6.18 -12.89 4.98
N THR C 56 7.14 -12.11 5.45
CA THR C 56 6.93 -11.26 6.60
C THR C 56 5.89 -10.22 6.24
N ALA C 57 5.91 -9.82 4.97
CA ALA C 57 5.00 -8.84 4.40
C ALA C 57 3.64 -9.48 4.16
N GLY C 58 2.62 -8.64 3.97
CA GLY C 58 1.28 -9.12 3.72
C GLY C 58 1.17 -9.95 2.45
N ALA C 59 1.87 -9.54 1.40
CA ALA C 59 1.81 -10.27 0.13
C ALA C 59 3.09 -11.07 -0.13
N ALA C 60 2.92 -12.37 -0.37
CA ALA C 60 4.02 -13.28 -0.65
C ALA C 60 4.77 -12.96 -1.95
N VAL C 61 4.02 -12.59 -2.98
CA VAL C 61 4.62 -12.28 -4.28
C VAL C 61 4.84 -10.79 -4.50
N ARG C 62 6.04 -10.45 -4.96
CA ARG C 62 6.42 -9.06 -5.22
C ARG C 62 5.60 -8.45 -6.36
N CYS C 63 5.29 -7.16 -6.20
CA CYS C 63 4.52 -6.41 -7.18
C CYS C 63 5.38 -6.06 -8.39
N LYS C 64 5.11 -6.70 -9.52
CA LYS C 64 5.90 -6.51 -10.73
C LYS C 64 5.61 -5.18 -11.39
N ASP C 65 4.34 -4.92 -11.65
CA ASP C 65 3.91 -3.67 -12.28
C ASP C 65 3.18 -2.83 -11.25
N LEU C 66 3.52 -1.55 -11.18
CA LEU C 66 2.87 -0.70 -10.19
C LEU C 66 1.64 -0.07 -10.78
N MET C 67 1.31 -0.46 -12.02
CA MET C 67 0.08 0.00 -12.63
C MET C 67 -1.14 -0.47 -11.83
N GLU C 68 -1.00 -1.63 -11.19
CA GLU C 68 -2.11 -2.23 -10.46
C GLU C 68 -2.60 -1.36 -9.30
N ILE C 69 -1.84 -0.33 -8.95
CA ILE C 69 -2.30 0.62 -7.94
C ILE C 69 -3.24 1.63 -8.58
N ALA C 70 -2.98 1.97 -9.83
CA ALA C 70 -3.84 2.91 -10.53
C ALA C 70 -5.24 2.34 -10.68
N ARG C 71 -5.33 1.01 -10.78
CA ARG C 71 -6.60 0.33 -10.94
C ARG C 71 -7.49 0.44 -9.72
N MET C 72 -6.93 0.94 -8.63
CA MET C 72 -7.69 1.09 -7.40
C MET C 72 -8.52 2.37 -7.46
N PRO C 73 -9.83 2.24 -7.20
CA PRO C 73 -10.77 3.36 -7.25
C PRO C 73 -10.39 4.47 -6.30
N SER C 74 -10.77 5.70 -6.60
CA SER C 74 -10.58 6.80 -5.67
C SER C 74 -11.72 7.79 -5.77
N VAL C 75 -12.25 8.20 -4.62
CA VAL C 75 -13.37 9.12 -4.60
C VAL C 75 -12.98 10.44 -5.24
N PHE C 76 -13.81 10.91 -6.16
CA PHE C 76 -13.52 12.16 -6.83
C PHE C 76 -13.66 13.34 -5.88
N LEU C 77 -12.57 14.08 -5.70
CA LEU C 77 -12.56 15.32 -4.94
C LEU C 77 -13.24 15.15 -3.57
N GLY C 78 -13.00 14.01 -2.93
CA GLY C 78 -13.77 13.63 -1.78
C GLY C 78 -13.27 14.15 -0.45
N GLU C 79 -12.52 15.24 -0.50
CA GLU C 79 -11.88 15.80 0.70
C GLU C 79 -12.87 16.47 1.66
N SER C 80 -14.12 16.58 1.26
CA SER C 80 -15.11 17.32 2.05
C SER C 80 -15.93 16.45 2.99
N THR C 81 -16.19 16.96 4.17
CA THR C 81 -17.08 16.31 5.11
C THR C 81 -18.54 16.63 4.78
N GLU C 82 -18.80 17.86 4.35
CA GLU C 82 -20.14 18.27 3.97
C GLU C 82 -20.65 17.50 2.75
N PRO C 83 -21.95 17.16 2.75
CA PRO C 83 -22.57 16.31 1.75
C PRO C 83 -22.70 16.91 0.35
N ASP C 84 -22.54 18.22 0.17
CA ASP C 84 -22.96 18.83 -1.09
C ASP C 84 -21.89 19.69 -1.75
N GLY C 85 -22.19 20.17 -2.96
CA GLY C 85 -22.97 19.44 -3.93
C GLY C 85 -22.19 19.00 -5.17
N ARG C 86 -21.08 19.67 -5.42
CA ARG C 86 -20.23 19.41 -6.58
C ARG C 86 -18.99 18.60 -6.24
N ARG C 87 -18.86 18.20 -5.00
CA ARG C 87 -17.58 17.74 -4.48
C ARG C 87 -17.31 16.26 -4.74
N GLY C 88 -18.22 15.59 -5.44
CA GLY C 88 -18.04 14.18 -5.74
C GLY C 88 -18.71 13.32 -4.71
N TYR C 89 -18.95 13.91 -3.55
CA TYR C 89 -19.82 13.34 -2.54
C TYR C 89 -21.04 14.23 -2.48
N PHE C 90 -22.17 13.76 -2.99
CA PHE C 90 -23.30 14.65 -3.19
C PHE C 90 -24.62 14.06 -2.74
N THR C 91 -25.63 14.91 -2.65
CA THR C 91 -26.92 14.47 -2.15
C THR C 91 -28.00 14.44 -3.23
N TRP C 92 -28.49 13.26 -3.52
CA TRP C 92 -29.60 13.05 -4.42
C TRP C 92 -30.86 13.37 -3.64
N SER C 93 -31.61 14.38 -4.10
CA SER C 93 -32.76 14.83 -3.34
C SER C 93 -34.03 14.76 -4.18
N HIS C 94 -35.18 14.73 -3.52
CA HIS C 94 -36.44 14.60 -4.26
C HIS C 94 -37.05 15.96 -4.50
N THR C 95 -36.37 17.00 -4.02
CA THR C 95 -36.87 18.36 -4.17
C THR C 95 -36.72 18.85 -5.60
N ILE C 96 -36.07 18.03 -6.44
CA ILE C 96 -35.77 18.42 -7.81
C ILE C 96 -36.51 17.57 -8.83
N SER C 97 -37.12 18.24 -9.80
CA SER C 97 -37.87 17.57 -10.86
C SER C 97 -36.94 16.80 -11.79
N PRO C 98 -37.51 15.91 -12.61
CA PRO C 98 -36.71 15.24 -13.64
C PRO C 98 -35.93 16.20 -14.54
N VAL C 99 -34.76 15.75 -14.97
CA VAL C 99 -33.85 16.52 -15.83
C VAL C 99 -33.42 17.82 -15.15
N ASN C 100 -32.61 17.67 -14.10
CA ASN C 100 -31.90 18.79 -13.50
C ASN C 100 -30.62 18.23 -12.87
N TRP C 101 -29.55 19.01 -12.84
CA TRP C 101 -28.27 18.45 -12.44
C TRP C 101 -28.21 18.23 -10.94
N VAL C 102 -27.88 17.01 -10.54
CA VAL C 102 -27.48 16.74 -9.18
C VAL C 102 -25.99 17.02 -9.04
N PHE C 103 -25.23 16.61 -10.05
CA PHE C 103 -23.78 16.80 -10.04
C PHE C 103 -23.27 17.26 -11.39
N ASP C 104 -22.65 18.44 -11.44
CA ASP C 104 -21.96 18.85 -12.66
C ASP C 104 -20.62 19.54 -12.38
N ASP C 105 -19.54 18.93 -12.86
CA ASP C 105 -18.23 19.55 -12.74
C ASP C 105 -17.26 18.94 -13.75
N HIS C 106 -16.18 19.67 -14.06
CA HIS C 106 -15.09 19.12 -14.84
C HIS C 106 -14.44 18.03 -14.01
N ILE C 107 -13.75 17.11 -14.65
CA ILE C 107 -12.85 16.27 -13.88
C ILE C 107 -11.43 16.43 -14.44
N TYR C 108 -10.58 17.09 -13.68
CA TYR C 108 -9.17 17.12 -14.01
C TYR C 108 -8.55 15.85 -13.50
N LEU C 109 -7.45 15.43 -14.09
CA LEU C 109 -6.81 14.23 -13.60
C LEU C 109 -6.15 14.54 -12.25
N GLU C 110 -6.03 15.82 -11.96
CA GLU C 110 -5.36 16.26 -10.75
C GLU C 110 -6.30 16.43 -9.56
N ASN C 111 -7.61 16.31 -9.80
CA ASN C 111 -8.57 16.40 -8.72
C ASN C 111 -8.68 15.10 -7.94
N MET C 112 -8.68 13.99 -8.65
CA MET C 112 -8.81 12.69 -7.99
C MET C 112 -7.55 12.36 -7.20
N PRO C 113 -7.73 11.98 -5.92
CA PRO C 113 -6.67 11.90 -4.93
C PRO C 113 -5.56 10.92 -5.26
N ASN C 114 -5.93 9.71 -5.68
CA ASN C 114 -4.94 8.67 -5.91
C ASN C 114 -4.04 9.05 -7.07
N LEU C 115 -4.65 9.33 -8.22
CA LEU C 115 -3.89 9.65 -9.40
C LEU C 115 -3.26 11.03 -9.35
N ARG C 116 -3.57 11.81 -8.31
CA ARG C 116 -3.04 13.16 -8.23
C ARG C 116 -1.53 13.18 -8.14
N LEU C 117 -0.95 12.30 -7.34
CA LEU C 117 0.51 12.23 -7.26
C LEU C 117 1.00 11.39 -8.43
N PHE C 118 0.13 10.51 -8.90
CA PHE C 118 0.51 9.55 -9.91
C PHE C 118 0.62 10.34 -11.20
N SER C 119 -0.06 11.49 -11.22
CA SER C 119 -0.05 12.43 -12.32
C SER C 119 1.18 13.31 -12.29
N SER C 120 1.64 13.64 -11.09
CA SER C 120 2.80 14.50 -10.95
C SER C 120 4.06 13.74 -11.33
N CYS C 121 4.00 12.42 -11.26
CA CYS C 121 5.16 11.60 -11.55
C CYS C 121 5.37 11.39 -13.05
N TYR C 122 4.28 11.12 -13.78
CA TYR C 122 4.37 10.90 -15.21
C TYR C 122 3.71 12.03 -15.99
N ASN C 123 4.28 12.42 -17.12
CA ASN C 123 3.67 13.50 -17.90
C ASN C 123 2.52 13.05 -18.78
N TYR C 124 2.57 11.83 -19.28
CA TYR C 124 1.60 11.39 -20.26
C TYR C 124 0.95 10.09 -19.88
N TRP C 125 -0.23 9.82 -20.42
CA TRP C 125 -0.90 8.57 -20.17
C TRP C 125 -1.87 8.23 -21.28
N ARG C 126 -2.21 6.96 -21.40
CA ARG C 126 -3.23 6.51 -22.34
C ARG C 126 -4.22 5.65 -21.59
N GLY C 127 -5.15 5.05 -22.31
CA GLY C 127 -6.01 4.04 -21.72
C GLY C 127 -7.35 4.55 -21.28
N SER C 128 -8.33 3.64 -21.26
CA SER C 128 -9.69 4.01 -20.97
C SER C 128 -9.93 4.27 -19.50
N PHE C 129 -10.95 5.06 -19.20
CA PHE C 129 -11.52 5.13 -17.86
C PHE C 129 -12.49 4.02 -17.56
N VAL C 130 -12.67 3.76 -16.27
CA VAL C 130 -13.92 3.20 -15.82
C VAL C 130 -14.31 4.01 -14.60
N ILE C 131 -15.38 4.76 -14.73
CA ILE C 131 -15.79 5.65 -13.65
C ILE C 131 -17.14 5.19 -13.18
N LYS C 132 -17.27 5.03 -11.87
CA LYS C 132 -18.44 4.37 -11.32
C LYS C 132 -19.14 5.17 -10.25
N LEU C 133 -20.45 5.30 -10.43
CA LEU C 133 -21.29 6.02 -9.51
C LEU C 133 -21.86 5.04 -8.51
N THR C 134 -22.01 5.48 -7.27
CA THR C 134 -22.54 4.59 -6.24
C THR C 134 -23.60 5.28 -5.39
N VAL C 135 -24.81 4.73 -5.40
CA VAL C 135 -25.90 5.28 -4.61
C VAL C 135 -26.14 4.36 -3.43
N TYR C 136 -26.41 4.91 -2.26
CA TYR C 136 -26.74 4.07 -1.13
C TYR C 136 -28.15 4.36 -0.65
N ALA C 137 -29.03 3.38 -0.81
CA ALA C 137 -30.43 3.57 -0.47
C ALA C 137 -31.05 2.30 0.09
N SER C 138 -32.21 2.47 0.71
CA SER C 138 -32.96 1.34 1.24
C SER C 138 -33.43 0.46 0.10
N THR C 139 -33.78 -0.77 0.41
CA THR C 139 -34.32 -1.67 -0.60
C THR C 139 -35.66 -1.12 -1.09
N PHE C 140 -36.33 -0.36 -0.22
CA PHE C 140 -37.58 0.29 -0.59
C PHE C 140 -37.37 1.35 -1.66
N ASN C 141 -36.47 2.27 -1.37
CA ASN C 141 -36.27 3.47 -2.16
C ASN C 141 -35.92 3.13 -3.61
N LYS C 142 -36.59 3.77 -4.56
CA LYS C 142 -36.33 3.52 -5.97
C LYS C 142 -36.33 4.78 -6.81
N GLY C 143 -35.47 4.79 -7.83
CA GLY C 143 -35.35 5.92 -8.74
C GLY C 143 -34.26 5.69 -9.77
N ARG C 144 -34.33 6.44 -10.86
CA ARG C 144 -33.41 6.23 -11.97
C ARG C 144 -32.70 7.53 -12.35
N LEU C 145 -31.38 7.47 -12.45
CA LEU C 145 -30.60 8.64 -12.85
C LEU C 145 -29.55 8.24 -13.87
N ARG C 146 -29.23 9.14 -14.79
CA ARG C 146 -28.29 8.81 -15.86
C ARG C 146 -27.08 9.72 -15.89
N MET C 147 -25.99 9.20 -16.45
CA MET C 147 -24.71 9.90 -16.43
C MET C 147 -24.25 10.30 -17.82
N ALA C 148 -24.32 11.58 -18.14
CA ALA C 148 -23.88 12.04 -19.45
C ALA C 148 -22.44 12.51 -19.37
N PHE C 149 -21.62 12.08 -20.32
CA PHE C 149 -20.21 12.46 -20.30
C PHE C 149 -19.73 12.90 -21.68
N PHE C 150 -19.40 14.18 -21.83
CA PHE C 150 -18.64 14.63 -22.99
C PHE C 150 -17.16 14.70 -22.69
N PRO C 151 -16.39 13.78 -23.27
CA PRO C 151 -14.94 13.90 -23.20
C PRO C 151 -14.48 15.19 -23.86
N ASN C 152 -13.48 15.86 -23.26
CA ASN C 152 -12.91 17.08 -23.81
C ASN C 152 -13.90 18.24 -23.89
N ARG C 153 -14.60 18.54 -22.81
CA ARG C 153 -15.63 19.57 -22.85
C ARG C 153 -15.65 20.44 -21.58
N GLU C 154 -16.14 21.67 -21.70
CA GLU C 154 -16.29 22.57 -20.56
C GLU C 154 -17.60 23.36 -20.58
N GLY C 155 -18.06 23.78 -19.41
CA GLY C 155 -19.26 24.59 -19.27
C GLY C 155 -20.43 24.03 -20.05
N ALA C 156 -20.67 22.74 -19.85
CA ALA C 156 -21.30 21.95 -20.89
C ALA C 156 -22.81 21.96 -20.99
N TYR C 157 -23.22 21.24 -22.02
CA TYR C 157 -24.57 20.96 -22.45
C TYR C 157 -25.41 22.21 -22.68
N THR C 158 -26.72 22.02 -22.70
CA THR C 158 -27.68 23.07 -22.41
C THR C 158 -28.42 22.70 -21.13
N GLN C 159 -28.14 21.48 -20.68
CA GLN C 159 -28.96 20.60 -19.81
C GLN C 159 -30.05 19.88 -20.63
N ASP C 160 -30.34 20.38 -21.83
CA ASP C 160 -31.27 19.69 -22.72
C ASP C 160 -30.60 18.59 -23.53
N ASP C 161 -29.38 18.86 -24.01
CA ASP C 161 -28.72 17.90 -24.88
C ASP C 161 -27.85 16.93 -24.12
N ALA C 162 -28.33 15.69 -24.10
CA ALA C 162 -27.68 14.55 -23.49
C ALA C 162 -27.00 13.80 -24.59
N GLN C 163 -27.80 13.46 -25.58
CA GLN C 163 -27.45 12.60 -26.69
C GLN C 163 -26.29 13.17 -27.47
N ASN C 164 -25.64 12.29 -28.23
CA ASN C 164 -24.37 12.53 -28.88
C ASN C 164 -23.31 12.64 -27.80
N ALA C 165 -23.58 11.97 -26.67
CA ALA C 165 -22.61 11.84 -25.59
C ALA C 165 -22.86 10.51 -24.88
N ILE C 166 -21.80 9.87 -24.42
CA ILE C 166 -21.91 8.60 -23.71
C ILE C 166 -22.83 8.78 -22.51
N PHE C 167 -23.78 7.87 -22.32
CA PHE C 167 -24.53 7.86 -21.07
C PHE C 167 -25.04 6.48 -20.68
N VAL C 168 -25.17 6.27 -19.38
CA VAL C 168 -25.72 5.04 -18.85
C VAL C 168 -26.93 5.33 -17.99
N VAL C 169 -28.11 4.95 -18.45
CA VAL C 169 -29.30 5.09 -17.64
C VAL C 169 -29.40 3.84 -16.78
N CYS C 170 -29.56 4.00 -15.48
CA CYS C 170 -29.62 2.81 -14.65
C CYS C 170 -30.37 3.06 -13.34
N ASP C 171 -30.85 1.98 -12.74
CA ASP C 171 -31.81 2.05 -11.65
C ASP C 171 -31.24 1.65 -10.30
N ILE C 172 -31.73 2.30 -9.25
CA ILE C 172 -31.42 1.92 -7.88
C ILE C 172 -32.08 0.58 -7.60
N GLY C 173 -31.45 -0.25 -6.79
CA GLY C 173 -31.96 -1.57 -6.50
C GLY C 173 -31.08 -2.32 -5.51
N LEU C 174 -31.20 -3.65 -5.51
CA LEU C 174 -30.37 -4.49 -4.67
C LEU C 174 -28.90 -4.31 -5.03
N ASN C 175 -28.64 -3.86 -6.25
CA ASN C 175 -27.28 -3.59 -6.71
C ASN C 175 -27.10 -2.08 -6.89
N ASN C 176 -25.89 -1.60 -6.75
CA ASN C 176 -25.67 -0.16 -6.69
C ASN C 176 -24.65 0.40 -7.67
N THR C 177 -23.40 -0.04 -7.55
CA THR C 177 -22.34 0.51 -8.38
C THR C 177 -22.58 0.31 -9.88
N PHE C 178 -22.50 1.40 -10.64
CA PHE C 178 -22.66 1.37 -12.09
C PHE C 178 -21.35 1.74 -12.74
N GLU C 179 -20.67 0.80 -13.39
CA GLU C 179 -19.41 1.12 -14.03
C GLU C 179 -19.61 1.40 -15.52
N MET C 180 -18.91 2.41 -16.02
CA MET C 180 -18.95 2.75 -17.44
C MET C 180 -17.57 3.17 -17.94
N THR C 181 -17.19 2.68 -19.11
CA THR C 181 -15.84 2.90 -19.61
C THR C 181 -15.74 3.88 -20.76
N ILE C 182 -14.83 4.85 -20.60
CA ILE C 182 -14.59 5.86 -21.61
C ILE C 182 -13.20 5.72 -22.17
N PRO C 183 -13.08 5.30 -23.43
CA PRO C 183 -11.80 5.18 -24.11
C PRO C 183 -11.15 6.55 -24.23
N TYR C 184 -9.83 6.64 -24.31
CA TYR C 184 -9.21 7.94 -24.35
C TYR C 184 -9.44 8.48 -25.74
N THR C 185 -9.60 9.79 -25.87
CA THR C 185 -9.85 10.41 -27.16
C THR C 185 -8.90 11.57 -27.44
N TRP C 186 -8.02 11.39 -28.42
CA TRP C 186 -7.09 12.42 -28.86
C TRP C 186 -6.65 12.25 -30.29
N GLY C 187 -6.17 13.33 -30.87
CA GLY C 187 -5.51 13.25 -32.17
C GLY C 187 -4.12 12.71 -31.97
N ASN C 188 -3.57 13.00 -30.79
CA ASN C 188 -2.24 12.54 -30.42
C ASN C 188 -2.24 11.07 -30.06
N TRP C 189 -1.06 10.46 -30.09
CA TRP C 189 -0.91 9.07 -29.71
C TRP C 189 -0.73 8.91 -28.21
N MET C 190 -0.88 10.01 -27.47
CA MET C 190 -0.80 10.03 -26.01
C MET C 190 -1.26 11.41 -25.54
N ARG C 191 -1.62 11.58 -24.27
CA ARG C 191 -2.10 12.88 -23.84
C ARG C 191 -1.33 13.41 -22.64
N PRO C 192 -1.31 14.74 -22.49
CA PRO C 192 -0.77 15.36 -21.27
C PRO C 192 -1.56 14.90 -20.06
N THR C 193 -0.89 14.70 -18.93
CA THR C 193 -1.55 14.19 -17.75
C THR C 193 -2.22 15.31 -17.00
N ARG C 194 -1.42 16.22 -16.47
CA ARG C 194 -1.96 17.40 -15.81
C ARG C 194 -1.98 18.53 -16.80
N GLY C 195 -3.17 19.01 -17.11
CA GLY C 195 -3.39 19.82 -18.28
C GLY C 195 -4.86 20.02 -18.54
N ASN C 196 -5.19 20.20 -19.80
CA ASN C 196 -6.54 20.54 -20.23
C ASN C 196 -7.62 19.60 -19.72
N SER C 197 -8.80 20.16 -19.53
CA SER C 197 -9.95 19.47 -18.94
C SER C 197 -10.24 18.17 -19.63
N LEU C 198 -10.67 17.18 -18.86
CA LEU C 198 -10.93 15.87 -19.42
C LEU C 198 -12.38 15.74 -19.81
N GLY C 199 -13.17 16.75 -19.44
CA GLY C 199 -14.56 16.86 -19.86
C GLY C 199 -15.60 16.63 -18.80
N HIS C 200 -16.77 17.24 -18.95
CA HIS C 200 -17.85 17.11 -17.98
C HIS C 200 -18.46 15.74 -17.88
N LEU C 201 -18.93 15.43 -16.68
CA LEU C 201 -19.92 14.38 -16.51
C LEU C 201 -21.08 15.03 -15.80
N ARG C 202 -22.28 14.79 -16.32
CA ARG C 202 -23.49 15.41 -15.77
C ARG C 202 -24.38 14.33 -15.20
N ILE C 203 -24.98 14.62 -14.06
CA ILE C 203 -25.85 13.66 -13.42
C ILE C 203 -27.20 14.31 -13.21
N ASP C 204 -28.22 13.79 -13.88
CA ASP C 204 -29.52 14.41 -13.83
C ASP C 204 -30.60 13.39 -13.51
N VAL C 205 -31.79 13.89 -13.21
CA VAL C 205 -32.88 13.06 -12.76
C VAL C 205 -33.73 12.58 -13.93
N LEU C 206 -33.84 11.27 -14.12
CA LEU C 206 -34.89 10.75 -14.98
C LEU C 206 -36.19 10.65 -14.20
N ASN C 207 -36.09 10.15 -12.97
CA ASN C 207 -37.26 9.99 -12.11
C ASN C 207 -36.88 10.34 -10.69
N ARG C 208 -37.64 11.23 -10.06
CA ARG C 208 -37.28 11.74 -8.75
C ARG C 208 -37.26 10.61 -7.75
N LEU C 209 -36.50 10.78 -6.68
CA LEU C 209 -36.44 9.78 -5.63
C LEU C 209 -37.81 9.64 -4.98
N THR C 210 -38.28 8.41 -4.89
CA THR C 210 -39.56 8.15 -4.25
C THR C 210 -39.34 7.61 -2.86
N TYR C 211 -39.66 8.42 -1.86
CA TYR C 211 -39.39 8.03 -0.48
C TYR C 211 -40.64 7.53 0.22
N ASN C 212 -40.46 6.54 1.09
CA ASN C 212 -41.57 5.96 1.82
C ASN C 212 -41.54 6.50 3.26
N SER C 213 -42.52 6.10 4.07
CA SER C 213 -42.55 6.52 5.46
C SER C 213 -41.49 5.83 6.28
N SER C 214 -41.14 4.60 5.87
CA SER C 214 -40.11 3.84 6.55
C SER C 214 -38.77 4.05 5.88
N SER C 215 -38.75 4.94 4.90
CA SER C 215 -37.58 5.09 4.05
C SER C 215 -37.00 6.50 4.14
N PRO C 216 -35.69 6.62 3.93
CA PRO C 216 -35.01 7.92 4.04
C PRO C 216 -35.52 8.91 3.01
N ASN C 217 -35.34 10.20 3.30
CA ASN C 217 -35.83 11.24 2.41
C ASN C 217 -34.90 11.47 1.23
N ALA C 218 -33.60 11.47 1.50
CA ALA C 218 -32.60 11.73 0.47
C ALA C 218 -31.35 10.91 0.69
N VAL C 219 -30.72 10.46 -0.39
CA VAL C 219 -29.58 9.56 -0.27
C VAL C 219 -28.29 10.24 -0.69
N ASN C 220 -27.18 9.79 -0.10
CA ASN C 220 -25.87 10.35 -0.38
C ASN C 220 -25.09 9.47 -1.33
N CYS C 221 -24.50 10.07 -2.36
CA CYS C 221 -23.88 9.31 -3.44
C CYS C 221 -22.40 9.63 -3.59
N ILE C 222 -21.65 8.74 -4.25
CA ILE C 222 -20.21 8.88 -4.36
C ILE C 222 -19.70 8.48 -5.74
N LEU C 223 -18.86 9.33 -6.33
CA LEU C 223 -18.21 9.01 -7.59
C LEU C 223 -16.79 8.50 -7.38
N GLN C 224 -16.38 7.54 -8.18
CA GLN C 224 -15.04 6.98 -8.07
C GLN C 224 -14.46 6.77 -9.45
N ILE C 225 -13.23 7.24 -9.67
CA ILE C 225 -12.59 7.01 -10.95
C ILE C 225 -11.58 5.89 -10.85
N LYS C 226 -11.92 4.76 -11.44
CA LYS C 226 -11.02 3.63 -11.53
C LYS C 226 -10.29 3.72 -12.85
N MET C 227 -8.99 3.47 -12.83
CA MET C 227 -8.22 3.58 -14.05
C MET C 227 -8.44 2.32 -14.86
N GLY C 228 -8.33 2.41 -16.18
CA GLY C 228 -8.73 1.31 -17.03
C GLY C 228 -7.84 0.10 -17.08
N ASP C 229 -8.15 -0.79 -18.02
CA ASP C 229 -7.38 -2.01 -18.23
C ASP C 229 -6.03 -1.70 -18.85
N ASP C 230 -6.06 -0.98 -19.95
CA ASP C 230 -4.88 -0.85 -20.81
C ASP C 230 -4.05 0.38 -20.52
N ALA C 231 -4.37 1.11 -19.46
CA ALA C 231 -3.82 2.44 -19.33
C ALA C 231 -2.34 2.43 -18.99
N MET C 232 -1.54 2.93 -19.92
CA MET C 232 -0.13 3.16 -19.72
C MET C 232 0.14 4.54 -19.13
N PHE C 233 1.28 4.69 -18.47
CA PHE C 233 1.81 6.01 -18.16
C PHE C 233 3.19 6.17 -18.76
N MET C 234 3.62 7.40 -18.99
CA MET C 234 4.81 7.64 -19.78
C MET C 234 5.76 8.70 -19.22
N VAL C 235 7.03 8.60 -19.63
CA VAL C 235 8.04 9.64 -19.50
C VAL C 235 8.01 10.37 -18.15
N PRO C 236 8.52 9.73 -17.09
CA PRO C 236 8.49 10.23 -15.72
C PRO C 236 9.05 11.65 -15.62
N THR C 237 8.45 12.47 -14.77
CA THR C 237 8.85 13.86 -14.66
C THR C 237 8.60 14.41 -13.26
N THR C 238 9.50 15.27 -12.79
CA THR C 238 9.34 15.92 -11.50
C THR C 238 8.24 16.98 -11.52
N SER C 239 7.76 17.33 -10.33
CA SER C 239 6.78 18.40 -10.18
C SER C 239 7.11 19.23 -8.96
N ASN C 240 6.45 20.37 -8.80
CA ASN C 240 6.77 21.28 -7.70
C ASN C 240 6.13 20.90 -6.37
N LEU C 241 5.21 19.95 -6.39
CA LEU C 241 4.48 19.58 -5.18
C LEU C 241 5.36 18.90 -4.14
N VAL C 242 4.93 18.95 -2.89
CA VAL C 242 5.69 18.36 -1.79
C VAL C 242 4.89 17.25 -1.11
N MET C 243 5.59 16.18 -0.74
CA MET C 243 5.02 15.01 -0.06
C MET C 243 4.21 14.17 -1.05
N GLN C 244 4.08 14.67 -2.27
CA GLN C 244 3.52 13.88 -3.35
C GLN C 244 4.10 14.33 -4.68
#